data_3NX5
# 
_entry.id   3NX5 
# 
_audit_conform.dict_name       mmcif_pdbx.dic 
_audit_conform.dict_version    5.380 
_audit_conform.dict_location   http://mmcif.pdb.org/dictionaries/ascii/mmcif_pdbx.dic 
# 
loop_
_database_2.database_id 
_database_2.database_code 
_database_2.pdbx_database_accession 
_database_2.pdbx_DOI 
PDB   3NX5         pdb_00003nx5 10.2210/pdb3nx5/pdb 
NDB   NA0626       ?            ?                   
RCSB  RCSB060389   ?            ?                   
WWPDB D_1000060389 ?            ?                   
# 
_pdbx_database_related.db_name        PDB 
_pdbx_database_related.db_id          3NP6 
_pdbx_database_related.details        . 
_pdbx_database_related.content_type   unspecified 
# 
_pdbx_database_status.entry_id                        3NX5 
_pdbx_database_status.status_code                     REL 
_pdbx_database_status.deposit_site                    RCSB 
_pdbx_database_status.process_site                    PDBJ 
_pdbx_database_status.recvd_initial_deposition_date   2010-07-13 
_pdbx_database_status.status_code_sf                  REL 
_pdbx_database_status.status_code_mr                  ? 
_pdbx_database_status.SG_entry                        ? 
_pdbx_database_status.status_code_cs                  ? 
_pdbx_database_status.methods_development_category    ? 
_pdbx_database_status.pdb_format_compatible           Y 
_pdbx_database_status.status_code_nmr_data            ? 
# 
loop_
_audit_author.name 
_audit_author.pdbx_ordinal 
'Ferraroni, M.'   1 
'Bazzicalupi, C.' 2 
'Gratteri, P.'    3 
'Bilia, A.R.'     4 
# 
_citation.id                        primary 
_citation.title                     
;X-Ray diffraction analyses of the natural isoquinoline alkaloids Berberine and Sanguinarine complexed with double helix DNA d(CGTACG)
;
_citation.journal_abbrev            'Chem.Commun.(Camb.)' 
_citation.journal_volume            47 
_citation.page_first                4917 
_citation.page_last                 4919 
_citation.year                      2011 
_citation.journal_id_ASTM           ? 
_citation.country                   UK 
_citation.journal_id_ISSN           1359-7345 
_citation.journal_id_CSD            ? 
_citation.book_publisher            ? 
_citation.pdbx_database_id_PubMed   21431128 
_citation.pdbx_database_id_DOI      10.1039/c1cc10971e 
# 
loop_
_citation_author.citation_id 
_citation_author.name 
_citation_author.ordinal 
_citation_author.identifier_ORCID 
primary 'Ferraroni, M.'   1 ? 
primary 'Bazzicalupi, C.' 2 ? 
primary 'Bilia, A.R.'     3 ? 
primary 'Gratteri, P.'    4 ? 
# 
_cell.length_a           29.992 
_cell.length_b           29.992 
_cell.length_c           119.069 
_cell.angle_alpha        90.000 
_cell.angle_beta         90.000 
_cell.angle_gamma        120.000 
_cell.entry_id           3NX5 
_cell.pdbx_unique_axis   ? 
_cell.Z_PDB              24 
_cell.length_a_esd       ? 
_cell.length_b_esd       ? 
_cell.length_c_esd       ? 
_cell.angle_alpha_esd    ? 
_cell.angle_beta_esd     ? 
_cell.angle_gamma_esd    ? 
# 
_symmetry.space_group_name_H-M             'P 32 2 1' 
_symmetry.entry_id                         3NX5 
_symmetry.Int_Tables_number                154 
_symmetry.pdbx_full_space_group_name_H-M   ? 
_symmetry.cell_setting                     ? 
_symmetry.space_group_name_Hall            ? 
# 
loop_
_entity.id 
_entity.type 
_entity.src_method 
_entity.pdbx_description 
_entity.formula_weight 
_entity.pdbx_number_of_molecules 
_entity.pdbx_ec 
_entity.pdbx_mutation 
_entity.pdbx_fragment 
_entity.details 
1 polymer     syn "5'-D(*CP*GP*TP*AP*CP*G)-3'"                                               1809.217 4 ? ? ? ? 
2 non-polymer syn '13-methyl[1,3]benzodioxolo[5,6-c][1,3]dioxolo[4,5-i]phenanthridin-13-ium' 332.329  1 ? ? ? ? 
3 non-polymer syn 'CALCIUM ION'                                                              40.078   1 ? ? ? ? 
4 water       nat water                                                                      18.015   5 ? ? ? ? 
# 
_entity_poly.entity_id                      1 
_entity_poly.type                           polydeoxyribonucleotide 
_entity_poly.nstd_linkage                   no 
_entity_poly.nstd_monomer                   no 
_entity_poly.pdbx_seq_one_letter_code       '(DC)(DG)(DT)(DA)(DC)(DG)' 
_entity_poly.pdbx_seq_one_letter_code_can   CGTACG 
_entity_poly.pdbx_strand_id                 A,B,C,D 
_entity_poly.pdbx_target_identifier         ? 
# 
loop_
_entity_poly_seq.entity_id 
_entity_poly_seq.num 
_entity_poly_seq.mon_id 
_entity_poly_seq.hetero 
1 1 DC n 
1 2 DG n 
1 3 DT n 
1 4 DA n 
1 5 DC n 
1 6 DG n 
# 
_pdbx_entity_src_syn.entity_id              1 
_pdbx_entity_src_syn.pdbx_src_id            1 
_pdbx_entity_src_syn.pdbx_alt_source_flag   sample 
_pdbx_entity_src_syn.pdbx_beg_seq_num       ? 
_pdbx_entity_src_syn.pdbx_end_seq_num       ? 
_pdbx_entity_src_syn.organism_scientific    ? 
_pdbx_entity_src_syn.organism_common_name   ? 
_pdbx_entity_src_syn.ncbi_taxonomy_id       ? 
_pdbx_entity_src_syn.details                'Synthetic DNA' 
# 
_struct_ref.id                         1 
_struct_ref.db_name                    PDB 
_struct_ref.db_code                    3NX5 
_struct_ref.pdbx_db_accession          3NX5 
_struct_ref.entity_id                  1 
_struct_ref.pdbx_align_begin           ? 
_struct_ref.pdbx_seq_one_letter_code   ? 
_struct_ref.pdbx_db_isoform            ? 
# 
loop_
_struct_ref_seq.align_id 
_struct_ref_seq.ref_id 
_struct_ref_seq.pdbx_PDB_id_code 
_struct_ref_seq.pdbx_strand_id 
_struct_ref_seq.seq_align_beg 
_struct_ref_seq.pdbx_seq_align_beg_ins_code 
_struct_ref_seq.seq_align_end 
_struct_ref_seq.pdbx_seq_align_end_ins_code 
_struct_ref_seq.pdbx_db_accession 
_struct_ref_seq.db_align_beg 
_struct_ref_seq.pdbx_db_align_beg_ins_code 
_struct_ref_seq.db_align_end 
_struct_ref_seq.pdbx_db_align_end_ins_code 
_struct_ref_seq.pdbx_auth_seq_align_beg 
_struct_ref_seq.pdbx_auth_seq_align_end 
1 1 3NX5 A 1 ? 6 ? 3NX5 1 ? 6  ? 1 6  
2 1 3NX5 B 1 ? 6 ? 3NX5 7 ? 12 ? 7 12 
3 1 3NX5 C 1 ? 6 ? 3NX5 1 ? 6  ? 1 6  
4 1 3NX5 D 1 ? 6 ? 3NX5 7 ? 12 ? 7 12 
# 
loop_
_chem_comp.id 
_chem_comp.type 
_chem_comp.mon_nstd_flag 
_chem_comp.name 
_chem_comp.pdbx_synonyms 
_chem_comp.formula 
_chem_comp.formula_weight 
CA  non-polymer   . 'CALCIUM ION'                                                              ?            'Ca 2'            
40.078  
DA  'DNA linking' y "2'-DEOXYADENOSINE-5'-MONOPHOSPHATE"                                       ?            'C10 H14 N5 O6 P' 
331.222 
DC  'DNA linking' y "2'-DEOXYCYTIDINE-5'-MONOPHOSPHATE"                                        ?            'C9 H14 N3 O7 P'  
307.197 
DG  'DNA linking' y "2'-DEOXYGUANOSINE-5'-MONOPHOSPHATE"                                       ?            'C10 H14 N5 O7 P' 
347.221 
DT  'DNA linking' y "THYMIDINE-5'-MONOPHOSPHATE"                                               ?            'C10 H15 N2 O8 P' 
322.208 
HOH non-polymer   . WATER                                                                      ?            'H2 O'            
18.015  
SAU non-polymer   . '13-methyl[1,3]benzodioxolo[5,6-c][1,3]dioxolo[4,5-i]phenanthridin-13-ium' Sanguinarine 'C20 H14 N O4 1'  
332.329 
# 
_exptl.crystals_number   1 
_exptl.entry_id          3NX5 
_exptl.method            'X-RAY DIFFRACTION' 
# 
_exptl_crystal.id                    1 
_exptl_crystal.pdbx_mosaicity        ? 
_exptl_crystal.pdbx_mosaicity_esd    ? 
_exptl_crystal.density_Matthews      2.14 
_exptl_crystal.density_diffrn        ? 
_exptl_crystal.density_meas          ? 
_exptl_crystal.density_meas_temp     ? 
_exptl_crystal.density_percent_sol   42.42 
_exptl_crystal.size_max              ? 
_exptl_crystal.size_mid              ? 
_exptl_crystal.size_min              ? 
_exptl_crystal.size_rad              ? 
_exptl_crystal.description           ? 
_exptl_crystal.F_000                 ? 
_exptl_crystal.preparation           ? 
# 
_exptl_crystal_grow.crystal_id      1 
_exptl_crystal_grow.method          'VAPOR DIFFUSION' 
_exptl_crystal_grow.pH              6.5 
_exptl_crystal_grow.temp            296 
_exptl_crystal_grow.pdbx_details    'MPD, MgCl2, NaCl, pH 6.5, vapor diffusion, temperature 296K' 
_exptl_crystal_grow.temp_details    ? 
_exptl_crystal_grow.pdbx_pH_range   ? 
# 
_diffrn.id                     1 
_diffrn.ambient_temp           100 
_diffrn.ambient_temp_details   ? 
_diffrn.crystal_id             1 
# 
_diffrn_detector.diffrn_id              1 
_diffrn_detector.detector               CCD 
_diffrn_detector.type                   'ADSC QUANTUM 315r' 
_diffrn_detector.pdbx_collection_date   2010-02-08 
_diffrn_detector.details                ? 
# 
_diffrn_radiation.diffrn_id                        1 
_diffrn_radiation.pdbx_diffrn_protocol             'SINGLE WAVELENGTH' 
_diffrn_radiation.monochromator                    'Si(111) monochromator' 
_diffrn_radiation.wavelength_id                    1 
_diffrn_radiation.pdbx_monochromatic_or_laue_m_l   M 
_diffrn_radiation.pdbx_scattering_type             x-ray 
# 
_diffrn_radiation_wavelength.id           1 
_diffrn_radiation_wavelength.wavelength   0.9763 
_diffrn_radiation_wavelength.wt           1.0 
# 
_diffrn_source.diffrn_id                   1 
_diffrn_source.source                      SYNCHROTRON 
_diffrn_source.type                        'ESRF BEAMLINE ID29' 
_diffrn_source.pdbx_wavelength_list        0.9763 
_diffrn_source.pdbx_wavelength             ? 
_diffrn_source.pdbx_synchrotron_site       ESRF 
_diffrn_source.pdbx_synchrotron_beamline   ID29 
# 
_reflns.entry_id                     3NX5 
_reflns.d_resolution_high            2.290 
_reflns.number_obs                   3006 
_reflns.pdbx_Rmerge_I_obs            0.051 
_reflns.pdbx_netI_over_sigmaI        20.990 
_reflns.percent_possible_obs         96.300 
_reflns.B_iso_Wilson_estimate        47.698 
_reflns.observed_criterion_sigma_I   -3.000 
_reflns.observed_criterion_sigma_F   ? 
_reflns.d_resolution_low             39.69 
_reflns.number_all                   ? 
_reflns.pdbx_Rsym_value              0.051 
_reflns.pdbx_redundancy              4.9 
_reflns.R_free_details               ? 
_reflns.limit_h_max                  ? 
_reflns.limit_h_min                  ? 
_reflns.limit_k_max                  ? 
_reflns.limit_k_min                  ? 
_reflns.limit_l_max                  ? 
_reflns.limit_l_min                  ? 
_reflns.observed_criterion_F_max     ? 
_reflns.observed_criterion_F_min     ? 
_reflns.pdbx_chi_squared             ? 
_reflns.pdbx_scaling_rejects         ? 
_reflns.pdbx_ordinal                 1 
_reflns.pdbx_diffrn_id               1 
# 
loop_
_reflns_shell.d_res_high 
_reflns_shell.d_res_low 
_reflns_shell.number_measured_obs 
_reflns_shell.number_measured_all 
_reflns_shell.number_unique_obs 
_reflns_shell.pdbx_rejects 
_reflns_shell.Rmerge_I_obs 
_reflns_shell.meanI_over_sigI_obs 
_reflns_shell.pdbx_Rsym_value 
_reflns_shell.pdbx_chi_squared 
_reflns_shell.pdbx_redundancy 
_reflns_shell.percent_possible_obs 
_reflns_shell.pdbx_netI_over_sigmaI_obs 
_reflns_shell.number_possible 
_reflns_shell.number_unique_all 
_reflns_shell.Rmerge_F_all 
_reflns_shell.Rmerge_F_obs 
_reflns_shell.Rmerge_I_all 
_reflns_shell.meanI_over_sigI_all 
_reflns_shell.percent_possible_all 
_reflns_shell.pdbx_Rrim_I_all 
_reflns_shell.pdbx_Rpim_I_all 
_reflns_shell.pdbx_ordinal 
_reflns_shell.pdbx_diffrn_id 
2.290 2.430 1139 ? 400 ? 0.112 6.5  ? ? ? ? ? 470 ? ? 0.125 ? ? 85.100  0.133 ? 1 1 
2.430 2.600 2497 ? 473 ? 0.094 13.8 ? ? ? ? ? 473 ? ? 0.069 ? ? 100.000 0.105 ? 2 1 
2.600 2.810 2351 ? 415 ? 0.076 19.5 ? ? ? ? ? 416 ? ? 0.044 ? ? 99.800  0.084 ? 3 1 
2.810 3.070 2171 ? 399 ? 0.064 23.3 ? ? ? ? ? 399 ? ? 0.037 ? ? 100.000 0.071 ? 4 1 
3.070 3.430 1957 ? 365 ? 0.045 27.1 ? ? ? ? ? 368 ? ? 0.025 ? ? 99.200  0.050 ? 5 1 
3.430 3.960 1752 ? 330 ? 0.053 28.7 ? ? ? ? ? 331 ? ? 0.031 ? ? 99.700  0.059 ? 6 1 
3.960 4.840 1436 ? 280 ? 0.048 28.5 ? ? ? ? ? 280 ? ? 0.028 ? ? 100.000 0.054 ? 7 1 
4.840 6.790 1093 ? 232 ? 0.049 27.6 ? ? ? ? ? 238 ? ? 0.027 ? ? 97.500  0.055 ? 8 1 
6.790 39.69 451  ? 112 ? 0.040 25.2 ? ? ? ? ? 148 ? ? 0.022 ? ? 75.700  0.046 ? 9 1 
# 
_refine.entry_id                                 3NX5 
_refine.ls_d_res_high                            2.3100 
_refine.ls_d_res_low                             39.6900 
_refine.pdbx_ls_sigma_F                          ? 
_refine.pdbx_data_cutoff_high_absF               ? 
_refine.pdbx_data_cutoff_low_absF                ? 
_refine.ls_percent_reflns_obs                    97.7300 
_refine.ls_number_reflns_obs                     2719 
_refine.ls_number_reflns_all                     ? 
_refine.pdbx_ls_cross_valid_method               THROUGHOUT 
_refine.pdbx_R_Free_selection_details            RANDOM 
_refine.details                                  'U VALUES: REFINED INDIVIDUALLY' 
_refine.ls_R_factor_all                          ? 
_refine.ls_R_factor_obs                          0.2552 
_refine.ls_R_factor_R_work                       0.2521 
_refine.ls_wR_factor_R_work                      0.2852 
_refine.ls_R_factor_R_free                       0.2833 
_refine.ls_wR_factor_R_free                      0.3248 
_refine.ls_percent_reflns_R_free                 9.6000 
_refine.ls_number_reflns_R_free                  289 
_refine.ls_R_factor_R_free_error                 ? 
_refine.B_iso_mean                               33.9258 
_refine.solvent_model_param_bsol                 ? 
_refine.solvent_model_param_ksol                 ? 
_refine.pdbx_isotropic_thermal_model             ? 
_refine.aniso_B[1][1]                            -22.2700 
_refine.aniso_B[2][2]                            -22.2700 
_refine.aniso_B[3][3]                            44.5400 
_refine.aniso_B[1][2]                            0.0000 
_refine.aniso_B[1][3]                            0.0000 
_refine.aniso_B[2][3]                            0.0000 
_refine.correlation_coeff_Fo_to_Fc               0.9210 
_refine.correlation_coeff_Fo_to_Fc_free          0.8920 
_refine.overall_SU_R_Cruickshank_DPI             0.0981 
_refine.overall_SU_R_free                        0.0596 
_refine.pdbx_overall_ESU_R_Free                  0.0600 
_refine.overall_SU_ML                            0.2940 
_refine.overall_SU_B                             14.1560 
_refine.solvent_model_details                    MASK 
_refine.pdbx_solvent_vdw_probe_radii             1.4000 
_refine.pdbx_solvent_ion_probe_radii             0.8000 
_refine.pdbx_solvent_shrinkage_radii             0.8000 
_refine.ls_number_parameters                     ? 
_refine.ls_number_restraints                     ? 
_refine.pdbx_starting_model                      'PDB ENTRY 3NP6' 
_refine.pdbx_method_to_determine_struct          'MOLECULAR REPLACEMENT' 
_refine.pdbx_stereochemistry_target_values       'MAXIMUM LIKELIHOOD' 
_refine.pdbx_stereochem_target_val_spec_case     ? 
_refine.overall_FOM_work_R_set                   0.5756 
_refine.B_iso_max                                60.940 
_refine.B_iso_min                                13.330 
_refine.occupancy_max                            1.000 
_refine.occupancy_min                            1.000 
_refine.pdbx_ls_sigma_I                          ? 
_refine.ls_redundancy_reflns_obs                 ? 
_refine.ls_R_factor_R_free_error_details         ? 
_refine.pdbx_data_cutoff_high_rms_absF           ? 
_refine.overall_FOM_free_R_set                   ? 
_refine.pdbx_overall_phase_error                 ? 
_refine.pdbx_refine_id                           'X-RAY DIFFRACTION' 
_refine.pdbx_overall_ESU_R                       ? 
_refine.pdbx_diffrn_id                           1 
_refine.pdbx_TLS_residual_ADP_flag               ? 
_refine.pdbx_overall_SU_R_free_Cruickshank_DPI   ? 
_refine.pdbx_overall_SU_R_Blow_DPI               ? 
_refine.pdbx_overall_SU_R_free_Blow_DPI          ? 
# 
_refine_hist.pdbx_refine_id                   'X-RAY DIFFRACTION' 
_refine_hist.cycle_id                         LAST 
_refine_hist.pdbx_number_atoms_protein        0 
_refine_hist.pdbx_number_atoms_nucleic_acid   450 
_refine_hist.pdbx_number_atoms_ligand         26 
_refine_hist.number_atoms_solvent             5 
_refine_hist.number_atoms_total               481 
_refine_hist.d_res_high                       2.3100 
_refine_hist.d_res_low                        39.6900 
# 
loop_
_refine_ls_restr.type 
_refine_ls_restr.number 
_refine_ls_restr.dev_ideal 
_refine_ls_restr.dev_ideal_target 
_refine_ls_restr.weight 
_refine_ls_restr.pdbx_refine_id 
_refine_ls_restr.pdbx_restraint_function 
r_bond_refined_d     532 0.010 0.021 ? 'X-RAY DIFFRACTION' ? 
r_angle_refined_deg  816 2.403 3.000 ? 'X-RAY DIFFRACTION' ? 
r_chiral_restr       87  0.063 0.200 ? 'X-RAY DIFFRACTION' ? 
r_gen_planes_refined 257 0.007 0.020 ? 'X-RAY DIFFRACTION' ? 
r_mcbond_it          3   0.495 1.500 ? 'X-RAY DIFFRACTION' ? 
r_mcangle_it         3   1.129 2.000 ? 'X-RAY DIFFRACTION' ? 
r_scbond_it          529 1.469 3.000 ? 'X-RAY DIFFRACTION' ? 
r_scangle_it         813 2.387 4.500 ? 'X-RAY DIFFRACTION' ? 
# 
_refine_ls_shell.d_res_high                       2.3050 
_refine_ls_shell.d_res_low                        2.3650 
_refine_ls_shell.pdbx_total_number_of_bins_used   20 
_refine_ls_shell.percent_reflns_obs               87.6700 
_refine_ls_shell.number_reflns_R_work             168 
_refine_ls_shell.R_factor_all                     ? 
_refine_ls_shell.R_factor_R_work                  0.7900 
_refine_ls_shell.R_factor_R_free                  0.9740 
_refine_ls_shell.percent_reflns_R_free            ? 
_refine_ls_shell.number_reflns_R_free             24 
_refine_ls_shell.R_factor_R_free_error            ? 
_refine_ls_shell.number_reflns_all                192 
_refine_ls_shell.number_reflns_obs                ? 
_refine_ls_shell.pdbx_refine_id                   'X-RAY DIFFRACTION' 
_refine_ls_shell.redundancy_reflns_obs            ? 
# 
_struct.entry_id                  3NX5 
_struct.title                     'The crystal structure of Sanguinarine bound to DNA d(CGTACG)' 
_struct.pdbx_model_details        ? 
_struct.pdbx_CASP_flag            ? 
_struct.pdbx_model_type_details   ? 
# 
_struct_keywords.entry_id        3NX5 
_struct_keywords.text            'DRUG-DNA COMPLEX, DOUBLE HELIX, DNA' 
_struct_keywords.pdbx_keywords   DNA 
# 
loop_
_struct_asym.id 
_struct_asym.pdbx_blank_PDB_chainid_flag 
_struct_asym.pdbx_modified 
_struct_asym.entity_id 
_struct_asym.details 
A N N 1 ? 
B N N 1 ? 
C N N 1 ? 
D N N 1 ? 
E N N 2 ? 
F N N 3 ? 
G N N 4 ? 
H N N 4 ? 
I N N 4 ? 
# 
_struct_biol.id        1 
_struct_biol.details   ? 
# 
loop_
_struct_conn.id 
_struct_conn.conn_type_id 
_struct_conn.pdbx_leaving_atom_flag 
_struct_conn.pdbx_PDB_id 
_struct_conn.ptnr1_label_asym_id 
_struct_conn.ptnr1_label_comp_id 
_struct_conn.ptnr1_label_seq_id 
_struct_conn.ptnr1_label_atom_id 
_struct_conn.pdbx_ptnr1_label_alt_id 
_struct_conn.pdbx_ptnr1_PDB_ins_code 
_struct_conn.pdbx_ptnr1_standard_comp_id 
_struct_conn.ptnr1_symmetry 
_struct_conn.ptnr2_label_asym_id 
_struct_conn.ptnr2_label_comp_id 
_struct_conn.ptnr2_label_seq_id 
_struct_conn.ptnr2_label_atom_id 
_struct_conn.pdbx_ptnr2_label_alt_id 
_struct_conn.pdbx_ptnr2_PDB_ins_code 
_struct_conn.ptnr1_auth_asym_id 
_struct_conn.ptnr1_auth_comp_id 
_struct_conn.ptnr1_auth_seq_id 
_struct_conn.ptnr2_auth_asym_id 
_struct_conn.ptnr2_auth_comp_id 
_struct_conn.ptnr2_auth_seq_id 
_struct_conn.ptnr2_symmetry 
_struct_conn.pdbx_ptnr3_label_atom_id 
_struct_conn.pdbx_ptnr3_label_seq_id 
_struct_conn.pdbx_ptnr3_label_comp_id 
_struct_conn.pdbx_ptnr3_label_asym_id 
_struct_conn.pdbx_ptnr3_label_alt_id 
_struct_conn.pdbx_ptnr3_PDB_ins_code 
_struct_conn.details 
_struct_conn.pdbx_dist_value 
_struct_conn.pdbx_value_order 
_struct_conn.pdbx_role 
metalc1  metalc ? ? F CA . CA ? ? ? 1_555 D DG 6 OP2 ? ? D CA 1  D DG 12 1_555 ? ? ? ? ? ? ?               1.884 ? ? 
hydrog1  hydrog ? ? A DG 2 N1 ? ? ? 1_555 B DC 5 N3  ? ? A DG 2  B DC 11 1_555 ? ? ? ? ? ? WATSON-CRICK    ?     ? ? 
hydrog2  hydrog ? ? A DG 2 N2 ? ? ? 1_555 B DC 5 O2  ? ? A DG 2  B DC 11 1_555 ? ? ? ? ? ? WATSON-CRICK    ?     ? ? 
hydrog3  hydrog ? ? A DG 2 O6 ? ? ? 1_555 B DC 5 N4  ? ? A DG 2  B DC 11 1_555 ? ? ? ? ? ? WATSON-CRICK    ?     ? ? 
hydrog4  hydrog ? ? A DG 2 N2 ? ? ? 1_555 D DG 6 N3  ? ? A DG 2  D DG 12 1_555 ? ? ? ? ? ? TYPE_4_PAIR     ?     ? ? 
hydrog5  hydrog ? ? A DG 2 N3 ? ? ? 1_555 D DG 6 N2  ? ? A DG 2  D DG 12 1_555 ? ? ? ? ? ? TYPE_4_PAIR     ?     ? ? 
hydrog6  hydrog ? ? A DT 3 N3 ? ? ? 1_555 B DA 4 N1  ? ? A DT 3  B DA 10 1_555 ? ? ? ? ? ? WATSON-CRICK    ?     ? ? 
hydrog7  hydrog ? ? A DT 3 O4 ? ? ? 1_555 B DA 4 N6  ? ? A DT 3  B DA 10 1_555 ? ? ? ? ? ? WATSON-CRICK    ?     ? ? 
hydrog8  hydrog ? ? A DA 4 N1 ? ? ? 1_555 B DT 3 N3  ? ? A DA 4  B DT 9  1_555 ? ? ? ? ? ? WATSON-CRICK    ?     ? ? 
hydrog9  hydrog ? ? A DA 4 N6 ? ? ? 1_555 B DT 3 O4  ? ? A DA 4  B DT 9  1_555 ? ? ? ? ? ? WATSON-CRICK    ?     ? ? 
hydrog10 hydrog ? ? A DC 5 N3 ? ? ? 1_555 B DG 2 N1  ? ? A DC 5  B DG 8  1_555 ? ? ? ? ? ? WATSON-CRICK    ?     ? ? 
hydrog11 hydrog ? ? A DC 5 N4 ? ? ? 1_555 B DG 2 O6  ? ? A DC 5  B DG 8  1_555 ? ? ? ? ? ? WATSON-CRICK    ?     ? ? 
hydrog12 hydrog ? ? A DC 5 O2 ? ? ? 1_555 B DG 2 N2  ? ? A DC 5  B DG 8  1_555 ? ? ? ? ? ? WATSON-CRICK    ?     ? ? 
hydrog13 hydrog ? ? B DG 6 N2 ? ? ? 1_555 C DG 2 N3  ? ? B DG 12 C DG 2  1_555 ? ? ? ? ? ? 'DG-DG MISPAIR' ?     ? ? 
hydrog14 hydrog ? ? C DG 2 N1 ? ? ? 1_555 D DC 5 N3  ? ? C DG 2  D DC 11 1_555 ? ? ? ? ? ? WATSON-CRICK    ?     ? ? 
hydrog15 hydrog ? ? C DG 2 N2 ? ? ? 1_555 D DC 5 O2  ? ? C DG 2  D DC 11 1_555 ? ? ? ? ? ? WATSON-CRICK    ?     ? ? 
hydrog16 hydrog ? ? C DG 2 O6 ? ? ? 1_555 D DC 5 N4  ? ? C DG 2  D DC 11 1_555 ? ? ? ? ? ? WATSON-CRICK    ?     ? ? 
hydrog17 hydrog ? ? C DT 3 N3 ? ? ? 1_555 D DA 4 N1  ? ? C DT 3  D DA 10 1_555 ? ? ? ? ? ? WATSON-CRICK    ?     ? ? 
hydrog18 hydrog ? ? C DT 3 O4 ? ? ? 1_555 D DA 4 N6  ? ? C DT 3  D DA 10 1_555 ? ? ? ? ? ? WATSON-CRICK    ?     ? ? 
hydrog19 hydrog ? ? C DA 4 N1 ? ? ? 1_555 D DT 3 N3  ? ? C DA 4  D DT 9  1_555 ? ? ? ? ? ? WATSON-CRICK    ?     ? ? 
hydrog20 hydrog ? ? C DA 4 N6 ? ? ? 1_555 D DT 3 O4  ? ? C DA 4  D DT 9  1_555 ? ? ? ? ? ? WATSON-CRICK    ?     ? ? 
hydrog21 hydrog ? ? C DC 5 N3 ? ? ? 1_555 D DG 2 N1  ? ? C DC 5  D DG 8  1_555 ? ? ? ? ? ? WATSON-CRICK    ?     ? ? 
hydrog22 hydrog ? ? C DC 5 N4 ? ? ? 1_555 D DG 2 O6  ? ? C DC 5  D DG 8  1_555 ? ? ? ? ? ? WATSON-CRICK    ?     ? ? 
hydrog23 hydrog ? ? C DC 5 O2 ? ? ? 1_555 D DG 2 N2  ? ? C DC 5  D DG 8  1_555 ? ? ? ? ? ? WATSON-CRICK    ?     ? ? 
# 
loop_
_struct_conn_type.id 
_struct_conn_type.criteria 
_struct_conn_type.reference 
metalc ? ? 
hydrog ? ? 
# 
loop_
_struct_site.id 
_struct_site.pdbx_evidence_code 
_struct_site.pdbx_auth_asym_id 
_struct_site.pdbx_auth_comp_id 
_struct_site.pdbx_auth_seq_id 
_struct_site.pdbx_auth_ins_code 
_struct_site.pdbx_num_residues 
_struct_site.details 
AC1 Software C SAU 7 ? 6 'BINDING SITE FOR RESIDUE SAU C 7' 
AC2 Software D CA  1 ? 3 'BINDING SITE FOR RESIDUE CA D 1'  
1   ?        ? ?   ? ? ? ?                                  
# 
loop_
_struct_site_gen.id 
_struct_site_gen.site_id 
_struct_site_gen.pdbx_num_res 
_struct_site_gen.label_comp_id 
_struct_site_gen.label_asym_id 
_struct_site_gen.label_seq_id 
_struct_site_gen.pdbx_auth_ins_code 
_struct_site_gen.auth_comp_id 
_struct_site_gen.auth_asym_id 
_struct_site_gen.auth_seq_id 
_struct_site_gen.label_atom_id 
_struct_site_gen.label_alt_id 
_struct_site_gen.symmetry 
_struct_site_gen.details 
1 AC1 6 DC A 5 ? DC A 5  . ? 1_445 ? 
2 AC1 6 DC B 1 ? DC B 7  . ? 5_565 ? 
3 AC1 6 DG B 2 ? DG B 8  . ? 1_445 ? 
4 AC1 6 DC C 5 ? DC C 5  . ? 1_555 ? 
5 AC1 6 DG C 6 ? DG C 6  . ? 1_555 ? 
6 AC1 6 DG D 2 ? DG D 8  . ? 1_555 ? 
7 AC2 3 DG B 6 ? DG B 12 . ? 4_555 ? 
8 AC2 3 DG D 6 ? DG D 12 . ? 4_555 ? 
9 AC2 3 DG D 6 ? DG D 12 . ? 1_555 ? 
# 
_atom_sites.entry_id                    3NX5 
_atom_sites.fract_transf_matrix[1][1]   -0.02634873 
_atom_sites.fract_transf_matrix[1][2]   -0.01222627 
_atom_sites.fract_transf_matrix[1][3]   0.02526884 
_atom_sites.fract_transf_matrix[2][1]   -0.03716047 
_atom_sites.fract_transf_matrix[2][2]   -0.00119319 
_atom_sites.fract_transf_matrix[2][3]   -0.00999628 
_atom_sites.fract_transf_matrix[3][1]   0.00099682 
_atom_sites.fract_transf_matrix[3][2]   -0.00786628 
_atom_sites.fract_transf_matrix[3][3]   -0.00276666 
_atom_sites.fract_transf_vector[1]      0.286744 
_atom_sites.fract_transf_vector[2]      0.455800 
_atom_sites.fract_transf_vector[3]      0.082686 
# 
loop_
_atom_type.symbol 
C  
CA 
N  
O  
P  
# 
loop_
_atom_site.group_PDB 
_atom_site.id 
_atom_site.type_symbol 
_atom_site.label_atom_id 
_atom_site.label_alt_id 
_atom_site.label_comp_id 
_atom_site.label_asym_id 
_atom_site.label_entity_id 
_atom_site.label_seq_id 
_atom_site.pdbx_PDB_ins_code 
_atom_site.Cartn_x 
_atom_site.Cartn_y 
_atom_site.Cartn_z 
_atom_site.occupancy 
_atom_site.B_iso_or_equiv 
_atom_site.pdbx_formal_charge 
_atom_site.auth_seq_id 
_atom_site.auth_comp_id 
_atom_site.auth_asym_id 
_atom_site.auth_atom_id 
_atom_site.pdbx_PDB_model_num 
ATOM   1   O  "O3'" . DC  A 1 1 ? 1.773   -8.569  3.526   1.00 38.87 ? 1  DC  A "O3'" 1 
ATOM   2   P  P     . DG  A 1 2 ? 3.318   -8.182  3.357   1.00 40.34 ? 2  DG  A P     1 
ATOM   3   O  OP1   . DG  A 1 2 ? 3.528   -8.010  1.896   1.00 38.10 ? 2  DG  A OP1   1 
ATOM   4   O  OP2   . DG  A 1 2 ? 4.097   -9.114  4.219   1.00 38.63 ? 2  DG  A OP2   1 
ATOM   5   O  "O5'" . DG  A 1 2 ? 3.501   -6.721  4.025   1.00 40.98 ? 2  DG  A "O5'" 1 
ATOM   6   C  "C5'" . DG  A 1 2 ? 3.773   -6.517  5.449   1.00 38.54 ? 2  DG  A "C5'" 1 
ATOM   7   C  "C4'" . DG  A 1 2 ? 2.938   -5.404  6.099   1.00 35.27 ? 2  DG  A "C4'" 1 
ATOM   8   O  "O4'" . DG  A 1 2 ? 2.345   -4.467  5.161   1.00 33.51 ? 2  DG  A "O4'" 1 
ATOM   9   C  "C3'" . DG  A 1 2 ? 1.773   -5.881  6.941   1.00 35.23 ? 2  DG  A "C3'" 1 
ATOM   10  O  "O3'" . DG  A 1 2 ? 1.863   -5.120  8.120   1.00 35.71 ? 2  DG  A "O3'" 1 
ATOM   11  C  "C2'" . DG  A 1 2 ? 0.530   -5.567  6.106   1.00 33.56 ? 2  DG  A "C2'" 1 
ATOM   12  C  "C1'" . DG  A 1 2 ? 0.944   -4.340  5.311   1.00 31.80 ? 2  DG  A "C1'" 1 
ATOM   13  N  N9    . DG  A 1 2 ? 0.384   -4.194  3.958   1.00 30.25 ? 2  DG  A N9    1 
ATOM   14  C  C8    . DG  A 1 2 ? 0.426   -5.131  2.952   1.00 29.87 ? 2  DG  A C8    1 
ATOM   15  N  N7    . DG  A 1 2 ? -0.116  -4.747  1.829   1.00 29.54 ? 2  DG  A N7    1 
ATOM   16  C  C5    . DG  A 1 2 ? -0.551  -3.461  2.093   1.00 28.63 ? 2  DG  A C5    1 
ATOM   17  C  C6    . DG  A 1 2 ? -1.218  -2.550  1.239   1.00 29.02 ? 2  DG  A C6    1 
ATOM   18  O  O6    . DG  A 1 2 ? -1.561  -2.710  0.054   1.00 29.56 ? 2  DG  A O6    1 
ATOM   19  N  N1    . DG  A 1 2 ? -1.493  -1.338  1.875   1.00 28.35 ? 2  DG  A N1    1 
ATOM   20  C  C2    . DG  A 1 2 ? -1.156  -1.056  3.173   1.00 28.21 ? 2  DG  A C2    1 
ATOM   21  N  N2    . DG  A 1 2 ? -1.511  0.166   3.587   1.00 27.88 ? 2  DG  A N2    1 
ATOM   22  N  N3    . DG  A 1 2 ? -0.524  -1.905  3.993   1.00 28.95 ? 2  DG  A N3    1 
ATOM   23  C  C4    . DG  A 1 2 ? -0.252  -3.098  3.392   1.00 29.29 ? 2  DG  A C4    1 
ATOM   24  P  P     . DT  A 1 3 ? 1.193   -5.538  9.507   1.00 36.39 ? 3  DT  A P     1 
ATOM   25  O  OP1   . DT  A 1 3 ? 2.152   -5.135  10.563  1.00 35.64 ? 3  DT  A OP1   1 
ATOM   26  O  OP2   . DT  A 1 3 ? 0.610   -6.905  9.456   1.00 36.24 ? 3  DT  A OP2   1 
ATOM   27  O  "O5'" . DT  A 1 3 ? -0.052  -4.536  9.501   1.00 36.96 ? 3  DT  A "O5'" 1 
ATOM   28  C  "C5'" . DT  A 1 3 ? 0.103   -3.104  9.512   1.00 34.48 ? 3  DT  A "C5'" 1 
ATOM   29  C  "C4'" . DT  A 1 3 ? -1.234  -2.461  9.182   1.00 33.45 ? 3  DT  A "C4'" 1 
ATOM   30  O  "O4'" . DT  A 1 3 ? -1.550  -2.715  7.800   1.00 32.15 ? 3  DT  A "O4'" 1 
ATOM   31  C  "C3'" . DT  A 1 3 ? -2.457  -2.981  9.951   1.00 33.90 ? 3  DT  A "C3'" 1 
ATOM   32  O  "O3'" . DT  A 1 3 ? -2.926  -1.875  10.719  1.00 35.79 ? 3  DT  A "O3'" 1 
ATOM   33  C  "C2'" . DT  A 1 3 ? -3.446  -3.462  8.881   1.00 31.80 ? 3  DT  A "C2'" 1 
ATOM   34  C  "C1'" . DT  A 1 3 ? -2.958  -2.678  7.667   1.00 31.12 ? 3  DT  A "C1'" 1 
ATOM   35  N  N1    . DT  A 1 3 ? -3.293  -3.134  6.260   1.00 29.40 ? 3  DT  A N1    1 
ATOM   36  C  C2    . DT  A 1 3 ? -3.895  -2.237  5.406   1.00 29.67 ? 3  DT  A C2    1 
ATOM   37  O  O2    . DT  A 1 3 ? -4.217  -1.107  5.707   1.00 29.69 ? 3  DT  A O2    1 
ATOM   38  N  N3    . DT  A 1 3 ? -4.143  -2.706  4.152   1.00 30.25 ? 3  DT  A N3    1 
ATOM   39  C  C4    . DT  A 1 3 ? -3.855  -3.955  3.649   1.00 30.20 ? 3  DT  A C4    1 
ATOM   40  O  O4    . DT  A 1 3 ? -4.141  -4.241  2.481   1.00 30.54 ? 3  DT  A O4    1 
ATOM   41  C  C5    . DT  A 1 3 ? -3.216  -4.847  4.587   1.00 29.40 ? 3  DT  A C5    1 
ATOM   42  C  C7    . DT  A 1 3 ? -2.844  -6.250  4.200   1.00 30.71 ? 3  DT  A C7    1 
ATOM   43  C  C6    . DT  A 1 3 ? -2.968  -4.400  5.823   1.00 28.92 ? 3  DT  A C6    1 
ATOM   44  P  P     . DA  A 1 4 ? -4.069  -1.888  11.837  1.00 34.82 ? 4  DA  A P     1 
ATOM   45  O  OP1   . DA  A 1 4 ? -3.611  -0.932  12.869  1.00 34.77 ? 4  DA  A OP1   1 
ATOM   46  O  OP2   . DA  A 1 4 ? -4.542  -3.220  12.233  1.00 33.82 ? 4  DA  A OP2   1 
ATOM   47  O  "O5'" . DA  A 1 4 ? -5.180  -1.225  10.940  1.00 34.00 ? 4  DA  A "O5'" 1 
ATOM   48  C  "C5'" . DA  A 1 4 ? -4.877  0.046   10.448  1.00 36.20 ? 4  DA  A "C5'" 1 
ATOM   49  C  "C4'" . DA  A 1 4 ? -6.048  0.465   9.607   1.00 38.34 ? 4  DA  A "C4'" 1 
ATOM   50  O  "O4'" . DA  A 1 4 ? -5.982  -0.300  8.393   1.00 38.46 ? 4  DA  A "O4'" 1 
ATOM   51  C  "C3'" . DA  A 1 4 ? -7.391  0.120   10.220  1.00 39.82 ? 4  DA  A "C3'" 1 
ATOM   52  O  "O3'" . DA  A 1 4 ? -7.991  1.350   10.657  1.00 43.72 ? 4  DA  A "O3'" 1 
ATOM   53  C  "C2'" . DA  A 1 4 ? -8.166  -0.586  9.102   1.00 38.44 ? 4  DA  A "C2'" 1 
ATOM   54  C  "C1'" . DA  A 1 4 ? -7.267  -0.509  7.871   1.00 37.00 ? 4  DA  A "C1'" 1 
ATOM   55  N  N9    . DA  A 1 4 ? -7.152  -1.749  7.110   1.00 35.23 ? 4  DA  A N9    1 
ATOM   56  C  C8    . DA  A 1 4 ? -6.717  -2.949  7.605   1.00 34.64 ? 4  DA  A C8    1 
ATOM   57  N  N7    . DA  A 1 4 ? -6.704  -3.918  6.721   1.00 34.65 ? 4  DA  A N7    1 
ATOM   58  C  C5    . DA  A 1 4 ? -7.147  -3.309  5.561   1.00 33.11 ? 4  DA  A C5    1 
ATOM   59  C  C6    . DA  A 1 4 ? -7.352  -3.807  4.266   1.00 32.51 ? 4  DA  A C6    1 
ATOM   60  N  N6    . DA  A 1 4 ? -7.113  -5.078  3.939   1.00 33.78 ? 4  DA  A N6    1 
ATOM   61  N  N1    . DA  A 1 4 ? -7.807  -2.968  3.321   1.00 31.79 ? 4  DA  A N1    1 
ATOM   62  C  C2    . DA  A 1 4 ? -8.054  -1.704  3.685   1.00 33.39 ? 4  DA  A C2    1 
ATOM   63  N  N3    . DA  A 1 4 ? -7.891  -1.109  4.874   1.00 33.76 ? 4  DA  A N3    1 
ATOM   64  C  C4    . DA  A 1 4 ? -7.430  -1.976  5.782   1.00 33.79 ? 4  DA  A C4    1 
ATOM   65  P  P     . DC  A 1 5 ? -9.418  1.399   11.394  1.00 45.16 ? 5  DC  A P     1 
ATOM   66  O  OP1   . DC  A 1 5 ? -9.503  2.737   12.030  1.00 45.91 ? 5  DC  A OP1   1 
ATOM   67  O  OP2   . DC  A 1 5 ? -9.595  0.144   12.180  1.00 44.48 ? 5  DC  A OP2   1 
ATOM   68  O  "O5'" . DC  A 1 5 ? -10.492 1.359   10.216  1.00 43.87 ? 5  DC  A "O5'" 1 
ATOM   69  C  "C5'" . DC  A 1 5 ? -10.371 2.086   9.000   1.00 44.08 ? 5  DC  A "C5'" 1 
ATOM   70  C  "C4'" . DC  A 1 5 ? -11.312 1.416   8.006   1.00 44.51 ? 5  DC  A "C4'" 1 
ATOM   71  O  "O4'" . DC  A 1 5 ? -10.699 0.246   7.385   1.00 44.11 ? 5  DC  A "O4'" 1 
ATOM   72  C  "C3'" . DC  A 1 5 ? -12.584 0.881   8.660   1.00 44.24 ? 5  DC  A "C3'" 1 
ATOM   73  O  "O3'" . DC  A 1 5 ? -13.704 1.500   8.079   1.00 43.67 ? 5  DC  A "O3'" 1 
ATOM   74  C  "C2'" . DC  A 1 5 ? -12.554 -0.633  8.417   1.00 43.37 ? 5  DC  A "C2'" 1 
ATOM   75  C  "C1'" . DC  A 1 5 ? -11.724 -0.700  7.136   1.00 42.55 ? 5  DC  A "C1'" 1 
ATOM   76  N  N1    . DC  A 1 5 ? -11.146 -2.052  6.780   1.00 40.28 ? 5  DC  A N1    1 
ATOM   77  C  C2    . DC  A 1 5 ? -11.199 -2.539  5.455   1.00 39.71 ? 5  DC  A C2    1 
ATOM   78  O  O2    . DC  A 1 5 ? -11.726 -1.860  4.555   1.00 38.79 ? 5  DC  A O2    1 
ATOM   79  N  N3    . DC  A 1 5 ? -10.660 -3.769  5.199   1.00 39.00 ? 5  DC  A N3    1 
ATOM   80  C  C4    . DC  A 1 5 ? -10.098 -4.495  6.180   1.00 38.64 ? 5  DC  A C4    1 
ATOM   81  N  N4    . DC  A 1 5 ? -9.570  -5.696  5.895   1.00 37.36 ? 5  DC  A N4    1 
ATOM   82  C  C5    . DC  A 1 5 ? -10.037 -4.009  7.518   1.00 38.68 ? 5  DC  A C5    1 
ATOM   83  C  C6    . DC  A 1 5 ? -10.568 -2.806  7.765   1.00 39.39 ? 5  DC  A C6    1 
ATOM   84  P  P     . DG  A 1 6 ? -15.049 1.573   8.925   1.00 45.77 ? 6  DG  A P     1 
ATOM   85  O  OP1   . DG  A 1 6 ? -15.583 2.925   8.657   1.00 48.15 ? 6  DG  A OP1   1 
ATOM   86  O  OP2   . DG  A 1 6 ? -14.794 1.111   10.321  1.00 43.14 ? 6  DG  A OP2   1 
ATOM   87  O  "O5'" . DG  A 1 6 ? -16.012 0.521   8.196   1.00 46.93 ? 6  DG  A "O5'" 1 
ATOM   88  C  "C5'" . DG  A 1 6 ? -16.741 0.877   7.034   1.00 49.88 ? 6  DG  A "C5'" 1 
ATOM   89  C  "C4'" . DG  A 1 6 ? -18.022 0.067   7.000   1.00 52.89 ? 6  DG  A "C4'" 1 
ATOM   90  O  "O4'" . DG  A 1 6 ? -17.684 -1.301  7.339   1.00 53.41 ? 6  DG  A "O4'" 1 
ATOM   91  C  "C3'" . DG  A 1 6 ? -19.103 0.540   7.983   1.00 54.10 ? 6  DG  A "C3'" 1 
ATOM   92  O  "O3'" . DG  A 1 6 ? -20.404 0.575   7.377   1.00 54.77 ? 6  DG  A "O3'" 1 
ATOM   93  C  "C2'" . DG  A 1 6 ? -19.053 -0.485  9.111   1.00 54.75 ? 6  DG  A "C2'" 1 
ATOM   94  C  "C1'" . DG  A 1 6 ? -18.478 -1.725  8.422   1.00 55.15 ? 6  DG  A "C1'" 1 
ATOM   95  N  N9    . DG  A 1 6 ? -17.670 -2.568  9.301   1.00 56.97 ? 6  DG  A N9    1 
ATOM   96  C  C8    . DG  A 1 6 ? -17.410 -2.387  10.641  1.00 58.12 ? 6  DG  A C8    1 
ATOM   97  N  N7    . DG  A 1 6 ? -16.672 -3.318  11.180  1.00 58.27 ? 6  DG  A N7    1 
ATOM   98  C  C5    . DG  A 1 6 ? -16.420 -4.187  10.126  1.00 59.18 ? 6  DG  A C5    1 
ATOM   99  C  C6    . DG  A 1 6 ? -15.666 -5.399  10.093  1.00 59.61 ? 6  DG  A C6    1 
ATOM   100 O  O6    . DG  A 1 6 ? -15.048 -5.957  11.014  1.00 58.40 ? 6  DG  A O6    1 
ATOM   101 N  N1    . DG  A 1 6 ? -15.673 -5.969  8.817   1.00 60.04 ? 6  DG  A N1    1 
ATOM   102 C  C2    . DG  A 1 6 ? -16.314 -5.433  7.714   1.00 60.27 ? 6  DG  A C2    1 
ATOM   103 N  N2    . DG  A 1 6 ? -16.207 -6.117  6.564   1.00 60.94 ? 6  DG  A N2    1 
ATOM   104 N  N3    . DG  A 1 6 ? -17.023 -4.305  7.733   1.00 59.36 ? 6  DG  A N3    1 
ATOM   105 C  C4    . DG  A 1 6 ? -17.031 -3.736  8.965   1.00 58.47 ? 6  DG  A C4    1 
ATOM   106 O  "O5'" . DC  B 1 1 ? -8.581  -10.187 -8.142  1.00 50.86 ? 7  DC  B "O5'" 1 
ATOM   107 C  "C5'" . DC  B 1 1 ? -9.975  -10.492 -7.975  1.00 50.26 ? 7  DC  B "C5'" 1 
ATOM   108 C  "C4'" . DC  B 1 1 ? -10.238 -11.542 -6.891  1.00 49.09 ? 7  DC  B "C4'" 1 
ATOM   109 O  "O4'" . DC  B 1 1 ? -10.333 -12.872 -7.475  1.00 49.14 ? 7  DC  B "O4'" 1 
ATOM   110 C  "C3'" . DC  B 1 1 ? -9.227  -11.658 -5.746  1.00 47.62 ? 7  DC  B "C3'" 1 
ATOM   111 O  "O3'" . DC  B 1 1 ? -9.924  -11.940 -4.519  1.00 45.51 ? 7  DC  B "O3'" 1 
ATOM   112 C  "C2'" . DC  B 1 1 ? -8.390  -12.855 -6.197  1.00 48.08 ? 7  DC  B "C2'" 1 
ATOM   113 C  "C1'" . DC  B 1 1 ? -9.490  -13.754 -6.765  1.00 48.56 ? 7  DC  B "C1'" 1 
ATOM   114 N  N1    . DC  B 1 1 ? -9.078  -14.835 -7.719  1.00 48.92 ? 7  DC  B N1    1 
ATOM   115 C  C2    . DC  B 1 1 ? -9.842  -16.023 -7.815  1.00 48.55 ? 7  DC  B C2    1 
ATOM   116 O  O2    . DC  B 1 1 ? -10.849 -16.194 -7.115  1.00 47.35 ? 7  DC  B O2    1 
ATOM   117 N  N3    . DC  B 1 1 ? -9.445  -16.981 -8.697  1.00 49.17 ? 7  DC  B N3    1 
ATOM   118 C  C4    . DC  B 1 1 ? -8.353  -16.793 -9.459  1.00 49.57 ? 7  DC  B C4    1 
ATOM   119 N  N4    . DC  B 1 1 ? -8.015  -17.769 -10.308 1.00 49.03 ? 7  DC  B N4    1 
ATOM   120 C  C5    . DC  B 1 1 ? -7.564  -15.598 -9.379  1.00 49.80 ? 7  DC  B C5    1 
ATOM   121 C  C6    . DC  B 1 1 ? -7.963  -14.654 -8.509  1.00 49.61 ? 7  DC  B C6    1 
ATOM   122 P  P     . DG  B 1 2 ? -10.428 -10.823 -3.472  1.00 43.77 ? 8  DG  B P     1 
ATOM   123 O  OP1   . DG  B 1 2 ? -9.410  -10.687 -2.406  1.00 43.75 ? 8  DG  B OP1   1 
ATOM   124 O  OP2   . DG  B 1 2 ? -11.825 -11.164 -3.119  1.00 43.12 ? 8  DG  B OP2   1 
ATOM   125 O  "O5'" . DG  B 1 2 ? -10.470 -9.473  -4.320  1.00 42.19 ? 8  DG  B "O5'" 1 
ATOM   126 C  "C5'" . DG  B 1 2 ? -11.719 -8.977  -4.786  1.00 40.12 ? 8  DG  B "C5'" 1 
ATOM   127 C  "C4'" . DG  B 1 2 ? -12.161 -7.798  -3.950  1.00 39.13 ? 8  DG  B "C4'" 1 
ATOM   128 O  "O4'" . DG  B 1 2 ? -12.114 -8.125  -2.541  1.00 40.03 ? 8  DG  B "O4'" 1 
ATOM   129 C  "C3'" . DG  B 1 2 ? -11.221 -6.612  -3.997  1.00 38.03 ? 8  DG  B "C3'" 1 
ATOM   130 O  "O3'" . DG  B 1 2 ? -11.403 -5.936  -5.225  1.00 35.98 ? 8  DG  B "O3'" 1 
ATOM   131 C  "C2'" . DG  B 1 2 ? -11.679 -5.817  -2.769  1.00 38.07 ? 8  DG  B "C2'" 1 
ATOM   132 C  "C1'" . DG  B 1 2 ? -12.218 -6.902  -1.831  1.00 38.28 ? 8  DG  B "C1'" 1 
ATOM   133 N  N9    . DG  B 1 2 ? -11.516 -7.034  -0.557  1.00 36.47 ? 8  DG  B N9    1 
ATOM   134 C  C8    . DG  B 1 2 ? -10.844 -8.128  -0.078  1.00 36.86 ? 8  DG  B C8    1 
ATOM   135 N  N7    . DG  B 1 2 ? -10.303 -7.952  1.100   1.00 36.34 ? 8  DG  B N7    1 
ATOM   136 C  C5    . DG  B 1 2 ? -10.650 -6.655  1.416   1.00 35.78 ? 8  DG  B C5    1 
ATOM   137 C  C6    . DG  B 1 2 ? -10.360 -5.903  2.568   1.00 35.63 ? 8  DG  B C6    1 
ATOM   138 O  O6    . DG  B 1 2 ? -9.720  -6.256  3.564   1.00 35.65 ? 8  DG  B O6    1 
ATOM   139 N  N1    . DG  B 1 2 ? -10.901 -4.621  2.509   1.00 35.98 ? 8  DG  B N1    1 
ATOM   140 C  C2    . DG  B 1 2 ? -11.632 -4.111  1.458   1.00 36.72 ? 8  DG  B C2    1 
ATOM   141 N  N2    . DG  B 1 2 ? -12.066 -2.843  1.575   1.00 36.09 ? 8  DG  B N2    1 
ATOM   142 N  N3    . DG  B 1 2 ? -11.916 -4.816  0.367   1.00 37.50 ? 8  DG  B N3    1 
ATOM   143 C  C4    . DG  B 1 2 ? -11.396 -6.078  0.416   1.00 36.81 ? 8  DG  B C4    1 
ATOM   144 P  P     . DT  B 1 3 ? -10.237 -4.994  -5.758  1.00 35.92 ? 9  DT  B P     1 
ATOM   145 O  OP1   . DT  B 1 3 ? -10.515 -4.659  -7.174  1.00 35.59 ? 9  DT  B OP1   1 
ATOM   146 O  OP2   . DT  B 1 3 ? -8.953  -5.589  -5.309  1.00 33.74 ? 9  DT  B OP2   1 
ATOM   147 O  "O5'" . DT  B 1 3 ? -10.486 -3.655  -4.921  1.00 33.27 ? 9  DT  B "O5'" 1 
ATOM   148 C  "C5'" . DT  B 1 3 ? -11.371 -2.642  -5.386  1.00 30.43 ? 9  DT  B "C5'" 1 
ATOM   149 C  "C4'" . DT  B 1 3 ? -11.316 -1.494  -4.383  1.00 28.92 ? 9  DT  B "C4'" 1 
ATOM   150 O  "O4'" . DT  B 1 3 ? -11.130 -1.987  -3.017  1.00 27.36 ? 9  DT  B "O4'" 1 
ATOM   151 C  "C3'" . DT  B 1 3 ? -10.183 -0.515  -4.624  1.00 26.81 ? 9  DT  B "C3'" 1 
ATOM   152 O  "O3'" . DT  B 1 3 ? -10.734 0.774   -4.510  1.00 27.78 ? 9  DT  B "O3'" 1 
ATOM   153 C  "C2'" . DT  B 1 3 ? -9.179  -0.862  -3.536  1.00 26.29 ? 9  DT  B "C2'" 1 
ATOM   154 C  "C1'" . DT  B 1 3 ? -10.055 -1.343  -2.392  1.00 25.71 ? 9  DT  B "C1'" 1 
ATOM   155 N  N1    . DT  B 1 3 ? -9.393  -2.329  -1.470  1.00 25.81 ? 9  DT  B N1    1 
ATOM   156 C  C2    . DT  B 1 3 ? -9.264  -2.029  -0.117  1.00 26.40 ? 9  DT  B C2    1 
ATOM   157 O  O2    . DT  B 1 3 ? -9.664  -1.005  0.400   1.00 26.84 ? 9  DT  B O2    1 
ATOM   158 N  N3    . DT  B 1 3 ? -8.649  -2.987  0.658   1.00 26.12 ? 9  DT  B N3    1 
ATOM   159 C  C4    . DT  B 1 3 ? -8.156  -4.208  0.214   1.00 25.86 ? 9  DT  B C4    1 
ATOM   160 O  O4    . DT  B 1 3 ? -7.614  -5.007  0.976   1.00 26.05 ? 9  DT  B O4    1 
ATOM   161 C  C5    . DT  B 1 3 ? -8.314  -4.462  -1.200  1.00 24.75 ? 9  DT  B C5    1 
ATOM   162 C  C7    . DT  B 1 3 ? -7.803  -5.751  -1.766  1.00 25.69 ? 9  DT  B C7    1 
ATOM   163 C  C6    . DT  B 1 3 ? -8.920  -3.537  -1.967  1.00 24.95 ? 9  DT  B C6    1 
ATOM   164 P  P     . DA  B 1 4 ? -9.879  2.128   -4.505  1.00 26.63 ? 10 DA  B P     1 
ATOM   165 O  OP1   . DA  B 1 4 ? -10.787 3.158   -5.056  1.00 26.73 ? 10 DA  B OP1   1 
ATOM   166 O  OP2   . DA  B 1 4 ? -8.505  1.963   -5.048  1.00 25.48 ? 10 DA  B OP2   1 
ATOM   167 O  "O5'" . DA  B 1 4 ? -9.684  2.235   -2.936  1.00 24.60 ? 10 DA  B "O5'" 1 
ATOM   168 C  "C5'" . DA  B 1 4 ? -10.615 2.847   -2.084  1.00 23.35 ? 10 DA  B "C5'" 1 
ATOM   169 C  "C4'" . DA  B 1 4 ? -9.791  3.544   -1.016  1.00 21.50 ? 10 DA  B "C4'" 1 
ATOM   170 O  "O4'" . DA  B 1 4 ? -9.096  2.581   -0.202  1.00 20.75 ? 10 DA  B "O4'" 1 
ATOM   171 C  "C3'" . DA  B 1 4 ? -8.709  4.503   -1.517  1.00 21.70 ? 10 DA  B "C3'" 1 
ATOM   172 O  "O3'" . DA  B 1 4 ? -8.760  5.656   -0.672  1.00 22.86 ? 10 DA  B "O3'" 1 
ATOM   173 C  "C2'" . DA  B 1 4 ? -7.398  3.715   -1.387  1.00 20.23 ? 10 DA  B "C2'" 1 
ATOM   174 C  "C1'" . DA  B 1 4 ? -7.675  2.772   -0.223  1.00 19.97 ? 10 DA  B "C1'" 1 
ATOM   175 N  N9    . DA  B 1 4 ? -7.080  1.426   -0.298  1.00 17.79 ? 10 DA  B N9    1 
ATOM   176 C  C8    . DA  B 1 4 ? -7.075  0.597   -1.385  1.00 17.73 ? 10 DA  B C8    1 
ATOM   177 N  N7    . DA  B 1 4 ? -6.520  -0.578  -1.161  1.00 18.58 ? 10 DA  B N7    1 
ATOM   178 C  C5    . DA  B 1 4 ? -6.129  -0.521  0.162   1.00 17.11 ? 10 DA  B C5    1 
ATOM   179 C  C6    . DA  B 1 4 ? -5.476  -1.442  1.007   1.00 18.54 ? 10 DA  B C6    1 
ATOM   180 N  N6    . DA  B 1 4 ? -5.076  -2.647  0.596   1.00 21.79 ? 10 DA  B N6    1 
ATOM   181 N  N1    . DA  B 1 4 ? -5.237  -1.089  2.294   1.00 17.77 ? 10 DA  B N1    1 
ATOM   182 C  C2    . DA  B 1 4 ? -5.629  0.135   2.683   1.00 16.15 ? 10 DA  B C2    1 
ATOM   183 N  N3    . DA  B 1 4 ? -6.250  1.071   1.966   1.00 15.32 ? 10 DA  B N3    1 
ATOM   184 C  C4    . DA  B 1 4 ? -6.477  0.696   0.710   1.00 15.92 ? 10 DA  B C4    1 
ATOM   185 P  P     . DC  B 1 5 ? -7.829  6.926   -0.911  1.00 24.05 ? 11 DC  B P     1 
ATOM   186 O  OP1   . DC  B 1 5 ? -8.590  8.003   -0.241  1.00 27.43 ? 11 DC  B OP1   1 
ATOM   187 O  OP2   . DC  B 1 5 ? -7.373  7.091   -2.309  1.00 21.30 ? 11 DC  B OP2   1 
ATOM   188 O  "O5'" . DC  B 1 5 ? -6.529  6.579   -0.059  1.00 22.42 ? 11 DC  B "O5'" 1 
ATOM   189 C  "C5'" . DC  B 1 5 ? -6.591  6.371   1.337   1.00 23.08 ? 11 DC  B "C5'" 1 
ATOM   190 C  "C4'" . DC  B 1 5 ? -5.212  5.987   1.865   1.00 24.39 ? 11 DC  B "C4'" 1 
ATOM   191 O  "O4'" . DC  B 1 5 ? -4.908  4.580   1.588   1.00 25.51 ? 11 DC  B "O4'" 1 
ATOM   192 C  "C3'" . DC  B 1 5 ? -4.029  6.761   1.275   1.00 24.55 ? 11 DC  B "C3'" 1 
ATOM   193 O  "O3'" . DC  B 1 5 ? -3.079  7.064   2.300   1.00 24.18 ? 11 DC  B "O3'" 1 
ATOM   194 C  "C2'" . DC  B 1 5 ? -3.450  5.763   0.272   1.00 25.50 ? 11 DC  B "C2'" 1 
ATOM   195 C  "C1'" . DC  B 1 5 ? -3.575  4.491   1.116   1.00 25.14 ? 11 DC  B "C1'" 1 
ATOM   196 N  N1    . DC  B 1 5 ? -3.395  3.190   0.397   1.00 23.23 ? 11 DC  B N1    1 
ATOM   197 C  C2    . DC  B 1 5 ? -2.848  2.068   1.072   1.00 23.72 ? 11 DC  B C2    1 
ATOM   198 O  O2    . DC  B 1 5 ? -2.493  2.143   2.259   1.00 21.82 ? 11 DC  B O2    1 
ATOM   199 N  N3    . DC  B 1 5 ? -2.717  0.888   0.392   1.00 24.69 ? 11 DC  B N3    1 
ATOM   200 C  C4    . DC  B 1 5 ? -3.103  0.828   -0.898  1.00 25.53 ? 11 DC  B C4    1 
ATOM   201 N  N4    . DC  B 1 5 ? -2.960  -0.341  -1.537  1.00 26.17 ? 11 DC  B N4    1 
ATOM   202 C  C5    . DC  B 1 5 ? -3.660  1.963   -1.587  1.00 24.76 ? 11 DC  B C5    1 
ATOM   203 C  C6    . DC  B 1 5 ? -3.787  3.114   -0.912  1.00 23.05 ? 11 DC  B C6    1 
ATOM   204 P  P     . DG  B 1 6 ? -1.933  8.136   2.019   1.00 25.18 ? 12 DG  B P     1 
ATOM   205 O  OP1   . DG  B 1 6 ? -1.367  8.497   3.343   1.00 23.19 ? 12 DG  B OP1   1 
ATOM   206 O  OP2   . DG  B 1 6 ? -2.462  9.134   1.057   1.00 24.90 ? 12 DG  B OP2   1 
ATOM   207 O  "O5'" . DG  B 1 6 ? -0.849  7.301   1.176   1.00 27.94 ? 12 DG  B "O5'" 1 
ATOM   208 C  "C5'" . DG  B 1 6 ? -0.086  6.250   1.797   1.00 27.96 ? 12 DG  B "C5'" 1 
ATOM   209 C  "C4'" . DG  B 1 6 ? 1.267   6.162   1.133   1.00 28.22 ? 12 DG  B "C4'" 1 
ATOM   210 O  "O4'" . DG  B 1 6 ? 1.062   5.907   -0.281  1.00 28.91 ? 12 DG  B "O4'" 1 
ATOM   211 C  "C3'" . DG  B 1 6 ? 2.074   7.442   1.231   1.00 27.72 ? 12 DG  B "C3'" 1 
ATOM   212 O  "O3'" . DG  B 1 6 ? 3.042   7.261   2.211   1.00 27.87 ? 12 DG  B "O3'" 1 
ATOM   213 C  "C2'" . DG  B 1 6 ? 2.711   7.557   -0.144  1.00 28.60 ? 12 DG  B "C2'" 1 
ATOM   214 C  "C1'" . DG  B 1 6 ? 1.642   6.950   -1.044  1.00 30.66 ? 12 DG  B "C1'" 1 
ATOM   215 N  N9    . DG  B 1 6 ? 0.531   7.807   -1.433  1.00 33.78 ? 12 DG  B N9    1 
ATOM   216 C  C8    . DG  B 1 6 ? 0.366   9.153   -1.213  1.00 35.36 ? 12 DG  B C8    1 
ATOM   217 N  N7    . DG  B 1 6 ? -0.767  9.613   -1.675  1.00 37.23 ? 12 DG  B N7    1 
ATOM   218 C  C5    . DG  B 1 6 ? -1.391  8.506   -2.231  1.00 37.07 ? 12 DG  B C5    1 
ATOM   219 C  C6    . DG  B 1 6 ? -2.642  8.381   -2.882  1.00 38.77 ? 12 DG  B C6    1 
ATOM   220 O  O6    . DG  B 1 6 ? -3.475  9.267   -3.107  1.00 40.65 ? 12 DG  B O6    1 
ATOM   221 N  N1    . DG  B 1 6 ? -2.906  7.069   -3.297  1.00 39.57 ? 12 DG  B N1    1 
ATOM   222 C  C2    . DG  B 1 6 ? -2.053  6.000   -3.102  1.00 38.89 ? 12 DG  B C2    1 
ATOM   223 N  N2    . DG  B 1 6 ? -2.448  4.802   -3.566  1.00 37.63 ? 12 DG  B N2    1 
ATOM   224 N  N3    . DG  B 1 6 ? -0.872  6.119   -2.495  1.00 38.54 ? 12 DG  B N3    1 
ATOM   225 C  C4    . DG  B 1 6 ? -0.605  7.389   -2.087  1.00 36.19 ? 12 DG  B C4    1 
ATOM   226 O  "O3'" . DC  C 1 1 ? -1.734  -3.049  -8.362  1.00 45.22 ? 1  DC  C "O3'" 1 
ATOM   227 P  P     . DG  C 1 2 ? -3.155  -2.342  -8.590  1.00 46.43 ? 2  DG  C P     1 
ATOM   228 O  OP1   . DG  C 1 2 ? -4.195  -3.197  -7.956  1.00 44.53 ? 2  DG  C OP1   1 
ATOM   229 O  OP2   . DG  C 1 2 ? -3.194  -1.924  -10.021 1.00 44.81 ? 2  DG  C OP2   1 
ATOM   230 O  "O5'" . DG  C 1 2 ? -3.076  -1.016  -7.691  1.00 44.94 ? 2  DG  C "O5'" 1 
ATOM   231 C  "C5'" . DG  C 1 2 ? -4.097  -0.014  -7.766  1.00 41.85 ? 2  DG  C "C5'" 1 
ATOM   232 C  "C4'" . DG  C 1 2 ? -3.604  1.317   -7.202  1.00 38.88 ? 2  DG  C "C4'" 1 
ATOM   233 O  "O4'" . DG  C 1 2 ? -3.086  1.144   -5.851  1.00 37.31 ? 2  DG  C "O4'" 1 
ATOM   234 C  "C3'" . DG  C 1 2 ? -2.496  1.989   -7.999  1.00 38.49 ? 2  DG  C "C3'" 1 
ATOM   235 O  "O3'" . DG  C 1 2 ? -2.876  3.352   -8.156  1.00 40.76 ? 2  DG  C "O3'" 1 
ATOM   236 C  "C2'" . DG  C 1 2 ? -1.243  1.769   -7.130  1.00 36.78 ? 2  DG  C "C2'" 1 
ATOM   237 C  "C1'" . DG  C 1 2 ? -1.776  1.687   -5.695  1.00 34.31 ? 2  DG  C "C1'" 1 
ATOM   238 N  N9    . DG  C 1 2 ? -1.114  0.806   -4.716  1.00 30.46 ? 2  DG  C N9    1 
ATOM   239 C  C8    . DG  C 1 2 ? -0.917  -0.539  -4.903  1.00 28.72 ? 2  DG  C C8    1 
ATOM   240 N  N7    . DG  C 1 2 ? -0.339  -1.132  -3.898  1.00 27.24 ? 2  DG  C N7    1 
ATOM   241 C  C5    . DG  C 1 2 ? -0.147  -0.146  -2.956  1.00 25.59 ? 2  DG  C C5    1 
ATOM   242 C  C6    . DG  C 1 2 ? 0.422   -0.249  -1.659  1.00 26.06 ? 2  DG  C C6    1 
ATOM   243 O  O6    . DG  C 1 2 ? 0.876   -1.270  -1.100  1.00 25.24 ? 2  DG  C O6    1 
ATOM   244 N  N1    . DG  C 1 2 ? 0.440   0.973   -0.981  1.00 24.51 ? 2  DG  C N1    1 
ATOM   245 C  C2    . DG  C 1 2 ? -0.044  2.133   -1.527  1.00 25.88 ? 2  DG  C C2    1 
ATOM   246 N  N2    . DG  C 1 2 ? 0.062   3.211   -0.735  1.00 25.75 ? 2  DG  C N2    1 
ATOM   247 N  N3    . DG  C 1 2 ? -0.592  2.238   -2.748  1.00 26.36 ? 2  DG  C N3    1 
ATOM   248 C  C4    . DG  C 1 2 ? -0.624  1.060   -3.426  1.00 27.98 ? 2  DG  C C4    1 
ATOM   249 P  P     . DT  C 1 3 ? -2.382  4.360   -9.317  1.00 43.06 ? 3  DT  C P     1 
ATOM   250 O  OP1   . DT  C 1 3 ? -3.613  4.962   -9.890  1.00 43.42 ? 3  DT  C OP1   1 
ATOM   251 O  OP2   . DT  C 1 3 ? -1.390  3.691   -10.196 1.00 42.42 ? 3  DT  C OP2   1 
ATOM   252 O  "O5'" . DT  C 1 3 ? -1.606  5.513   -8.508  1.00 40.41 ? 3  DT  C "O5'" 1 
ATOM   253 C  "C5'" . DT  C 1 3 ? -2.055  5.958   -7.233  1.00 37.71 ? 3  DT  C "C5'" 1 
ATOM   254 C  "C4'" . DT  C 1 3 ? -0.890  6.318   -6.329  1.00 37.08 ? 3  DT  C "C4'" 1 
ATOM   255 O  "O4'" . DT  C 1 3 ? -0.370  5.133   -5.657  1.00 38.40 ? 3  DT  C "O4'" 1 
ATOM   256 C  "C3'" . DT  C 1 3 ? 0.337   6.967   -6.990  1.00 35.98 ? 3  DT  C "C3'" 1 
ATOM   257 O  "O3'" . DT  C 1 3 ? 0.617   8.243   -6.344  1.00 33.54 ? 3  DT  C "O3'" 1 
ATOM   258 C  "C2'" . DT  C 1 3 ? 1.467   5.931   -6.823  1.00 35.09 ? 3  DT  C "C2'" 1 
ATOM   259 C  "C1'" . DT  C 1 3 ? 1.041   5.289   -5.505  1.00 35.52 ? 3  DT  C "C1'" 1 
ATOM   260 N  N1    . DT  C 1 3 ? 1.659   3.974   -5.073  1.00 33.80 ? 3  DT  C N1    1 
ATOM   261 C  C2    . DT  C 1 3 ? 2.176   3.925   -3.804  1.00 33.69 ? 3  DT  C C2    1 
ATOM   262 O  O2    . DT  C 1 3 ? 2.162   4.879   -3.061  1.00 35.09 ? 3  DT  C O2    1 
ATOM   263 N  N3    . DT  C 1 3 ? 2.717   2.729   -3.418  1.00 32.58 ? 3  DT  C N3    1 
ATOM   264 C  C4    . DT  C 1 3 ? 2.783   1.583   -4.180  1.00 32.32 ? 3  DT  C C4    1 
ATOM   265 O  O4    . DT  C 1 3 ? 3.285   0.559   -3.734  1.00 31.89 ? 3  DT  C O4    1 
ATOM   266 C  C5    . DT  C 1 3 ? 2.227   1.674   -5.509  1.00 32.71 ? 3  DT  C C5    1 
ATOM   267 C  C7    . DT  C 1 3 ? 2.258   0.468   -6.416  1.00 32.56 ? 3  DT  C C7    1 
ATOM   268 C  C6    . DT  C 1 3 ? 1.697   2.855   -5.891  1.00 33.27 ? 3  DT  C C6    1 
ATOM   269 P  P     . DA  C 1 4 ? 1.695   9.266   -6.954  1.00 31.08 ? 4  DA  C P     1 
ATOM   270 O  OP1   . DA  C 1 4 ? 1.020   10.579  -7.079  1.00 33.18 ? 4  DA  C OP1   1 
ATOM   271 O  OP2   . DA  C 1 4 ? 2.375   8.709   -8.155  1.00 29.96 ? 4  DA  C OP2   1 
ATOM   272 O  "O5'" . DA  C 1 4 ? 2.745   9.280   -5.766  1.00 27.79 ? 4  DA  C "O5'" 1 
ATOM   273 C  "C5'" . DA  C 1 4 ? 2.292   9.294   -4.447  1.00 26.12 ? 4  DA  C "C5'" 1 
ATOM   274 C  "C4'" . DA  C 1 4 ? 3.516   9.220   -3.568  1.00 26.92 ? 4  DA  C "C4'" 1 
ATOM   275 O  "O4'" . DA  C 1 4 ? 3.848   7.829   -3.295  1.00 28.06 ? 4  DA  C "O4'" 1 
ATOM   276 C  "C3'" . DA  C 1 4 ? 4.771   9.844   -4.175  1.00 27.06 ? 4  DA  C "C3'" 1 
ATOM   277 O  "O3'" . DA  C 1 4 ? 5.394   10.590  -3.153  1.00 25.98 ? 4  DA  C "O3'" 1 
ATOM   278 C  "C2'" . DA  C 1 4 ? 5.630   8.647   -4.607  1.00 27.19 ? 4  DA  C "C2'" 1 
ATOM   279 C  "C1'" . DA  C 1 4 ? 5.211   7.578   -3.590  1.00 27.54 ? 4  DA  C "C1'" 1 
ATOM   280 N  N9    . DA  C 1 4 ? 5.337   6.197   -4.065  1.00 26.86 ? 4  DA  C N9    1 
ATOM   281 C  C8    . DA  C 1 4 ? 5.012   5.699   -5.303  1.00 26.49 ? 4  DA  C C8    1 
ATOM   282 N  N7    . DA  C 1 4 ? 5.244   4.411   -5.431  1.00 26.32 ? 4  DA  C N7    1 
ATOM   283 C  C5    . DA  C 1 4 ? 5.748   4.041   -4.186  1.00 24.88 ? 4  DA  C C5    1 
ATOM   284 C  C6    . DA  C 1 4 ? 6.191   2.805   -3.668  1.00 24.36 ? 4  DA  C C6    1 
ATOM   285 N  N6    . DA  C 1 4 ? 6.202   1.656   -4.370  1.00 23.70 ? 4  DA  C N6    1 
ATOM   286 N  N1    . DA  C 1 4 ? 6.637   2.791   -2.393  1.00 25.42 ? 4  DA  C N1    1 
ATOM   287 C  C2    . DA  C 1 4 ? 6.648   3.937   -1.673  1.00 26.67 ? 4  DA  C C2    1 
ATOM   288 N  N3    . DA  C 1 4 ? 6.254   5.156   -2.059  1.00 26.47 ? 4  DA  C N3    1 
ATOM   289 C  C4    . DA  C 1 4 ? 5.812   5.132   -3.336  1.00 25.51 ? 4  DA  C C4    1 
ATOM   290 P  P     . DC  C 1 5 ? 6.680   11.473  -3.464  1.00 26.55 ? 5  DC  C P     1 
ATOM   291 O  OP1   . DC  C 1 5 ? 6.691   12.450  -2.341  1.00 28.48 ? 5  DC  C OP1   1 
ATOM   292 O  OP2   . DC  C 1 5 ? 6.715   11.843  -4.915  1.00 21.96 ? 5  DC  C OP2   1 
ATOM   293 O  "O5'" . DC  C 1 5 ? 7.918   10.516  -3.194  1.00 26.06 ? 5  DC  C "O5'" 1 
ATOM   294 C  "C5'" . DC  C 1 5 ? 8.244   10.110  -1.874  1.00 26.58 ? 5  DC  C "C5'" 1 
ATOM   295 C  "C4'" . DC  C 1 5 ? 9.331   9.051   -1.984  1.00 26.07 ? 5  DC  C "C4'" 1 
ATOM   296 O  "O4'" . DC  C 1 5 ? 8.774   7.841   -2.592  1.00 25.04 ? 5  DC  C "O4'" 1 
ATOM   297 C  "C3'" . DC  C 1 5 ? 10.506  9.481   -2.861  1.00 24.96 ? 5  DC  C "C3'" 1 
ATOM   298 O  "O3'" . DC  C 1 5 ? 11.666  9.549   -2.057  1.00 25.60 ? 5  DC  C "O3'" 1 
ATOM   299 C  "C2'" . DC  C 1 5 ? 10.607  8.382   -3.920  1.00 24.29 ? 5  DC  C "C2'" 1 
ATOM   300 C  "C1'" . DC  C 1 5 ? 9.822   7.217   -3.293  1.00 22.79 ? 5  DC  C "C1'" 1 
ATOM   301 N  N1    . DC  C 1 5 ? 9.319   6.148   -4.271  1.00 17.85 ? 5  DC  C N1    1 
ATOM   302 C  C2    . DC  C 1 5 ? 9.490   4.799   -3.960  1.00 15.71 ? 5  DC  C C2    1 
ATOM   303 O  O2    . DC  C 1 5 ? 10.039  4.513   -2.883  1.00 13.33 ? 5  DC  C O2    1 
ATOM   304 N  N3    . DC  C 1 5 ? 9.046   3.858   -4.851  1.00 14.75 ? 5  DC  C N3    1 
ATOM   305 C  C4    . DC  C 1 5 ? 8.472   4.235   -6.000  1.00 16.16 ? 5  DC  C C4    1 
ATOM   306 N  N4    . DC  C 1 5 ? 8.056   3.313   -6.853  1.00 15.02 ? 5  DC  C N4    1 
ATOM   307 C  C5    . DC  C 1 5 ? 8.267   5.612   -6.337  1.00 17.44 ? 5  DC  C C5    1 
ATOM   308 C  C6    . DC  C 1 5 ? 8.713   6.511   -5.446  1.00 18.10 ? 5  DC  C C6    1 
ATOM   309 P  P     . DG  C 1 6 ? 13.039  10.025  -2.720  1.00 28.94 ? 6  DG  C P     1 
ATOM   310 O  OP1   . DG  C 1 6 ? 13.773  10.730  -1.637  1.00 28.63 ? 6  DG  C OP1   1 
ATOM   311 O  OP2   . DG  C 1 6 ? 12.724  10.647  -4.033  1.00 26.22 ? 6  DG  C OP2   1 
ATOM   312 O  "O5'" . DG  C 1 6 ? 13.828  8.648   -3.070  1.00 28.98 ? 6  DG  C "O5'" 1 
ATOM   313 C  "C5'" . DG  C 1 6 ? 14.667  8.027   -2.100  1.00 28.62 ? 6  DG  C "C5'" 1 
ATOM   314 C  "C4'" . DG  C 1 6 ? 15.877  7.355   -2.732  1.00 29.93 ? 6  DG  C "C4'" 1 
ATOM   315 O  "O4'" . DG  C 1 6 ? 15.448  6.479   -3.807  1.00 29.29 ? 6  DG  C "O4'" 1 
ATOM   316 C  "C3'" . DG  C 1 6 ? 16.933  8.282   -3.332  1.00 30.30 ? 6  DG  C "C3'" 1 
ATOM   317 O  "O3'" . DG  C 1 6 ? 17.930  8.541   -2.351  1.00 31.85 ? 6  DG  C "O3'" 1 
ATOM   318 C  "C2'" . DG  C 1 6 ? 17.522  7.462   -4.483  1.00 29.08 ? 6  DG  C "C2'" 1 
ATOM   319 C  "C1'" . DG  C 1 6 ? 16.408  6.470   -4.837  1.00 27.93 ? 6  DG  C "C1'" 1 
ATOM   320 N  N9    . DG  C 1 6 ? 15.746  6.753   -6.106  1.00 25.59 ? 6  DG  C N9    1 
ATOM   321 C  C8    . DG  C 1 6 ? 15.430  7.984   -6.623  1.00 26.16 ? 6  DG  C C8    1 
ATOM   322 N  N7    . DG  C 1 6 ? 14.869  7.941   -7.800  1.00 25.40 ? 6  DG  C N7    1 
ATOM   323 C  C5    . DG  C 1 6 ? 14.820  6.587   -8.089  1.00 24.46 ? 6  DG  C C5    1 
ATOM   324 C  C6    . DG  C 1 6 ? 14.306  5.930   -9.232  1.00 24.94 ? 6  DG  C C6    1 
ATOM   325 O  O6    . DG  C 1 6 ? 13.784  6.436   -10.240 1.00 25.18 ? 6  DG  C O6    1 
ATOM   326 N  N1    . DG  C 1 6 ? 14.442  4.541   -9.141  1.00 25.17 ? 6  DG  C N1    1 
ATOM   327 C  C2    . DG  C 1 6 ? 15.014  3.883   -8.073  1.00 26.01 ? 6  DG  C C2    1 
ATOM   328 N  N2    . DG  C 1 6 ? 15.055  2.544   -8.179  1.00 26.65 ? 6  DG  C N2    1 
ATOM   329 N  N3    . DG  C 1 6 ? 15.492  4.490   -6.980  1.00 24.89 ? 6  DG  C N3    1 
ATOM   330 C  C4    . DG  C 1 6 ? 15.359  5.841   -7.059  1.00 25.08 ? 6  DG  C C4    1 
ATOM   331 O  "O5'" . DC  D 1 1 ? 10.259  -9.536  -1.263  1.00 57.30 ? 7  DC  D "O5'" 1 
ATOM   332 C  "C5'" . DC  D 1 1 ? 9.446   -9.452  -2.428  1.00 56.91 ? 7  DC  D "C5'" 1 
ATOM   333 C  "C4'" . DC  D 1 1 ? 10.270  -9.910  -3.611  1.00 56.79 ? 7  DC  D "C4'" 1 
ATOM   334 O  "O4'" . DC  D 1 1 ? 10.327  -11.367 -3.619  1.00 57.81 ? 7  DC  D "O4'" 1 
ATOM   335 C  "C3'" . DC  D 1 1 ? 9.784   -9.436  -4.982  1.00 55.86 ? 7  DC  D "C3'" 1 
ATOM   336 O  "O3'" . DC  D 1 1 ? 10.842  -8.695  -5.652  1.00 52.80 ? 7  DC  D "O3'" 1 
ATOM   337 C  "C2'" . DC  D 1 1 ? 9.428   -10.730 -5.728  1.00 57.40 ? 7  DC  D "C2'" 1 
ATOM   338 C  "C1'" . DC  D 1 1 ? 10.144  -11.848 -4.949  1.00 58.93 ? 7  DC  D "C1'" 1 
ATOM   339 N  N1    . DC  D 1 1 ? 9.439   -13.211 -4.862  1.00 59.63 ? 7  DC  D N1    1 
ATOM   340 C  C2    . DC  D 1 1 ? 10.133  -14.309 -4.300  1.00 59.30 ? 7  DC  D C2    1 
ATOM   341 O  O2    . DC  D 1 1 ? 11.302  -14.153 -3.910  1.00 58.85 ? 7  DC  D O2    1 
ATOM   342 N  N3    . DC  D 1 1 ? 9.494   -15.515 -4.204  1.00 58.58 ? 7  DC  D N3    1 
ATOM   343 C  C4    . DC  D 1 1 ? 8.232   -15.655 -4.636  1.00 58.53 ? 7  DC  D C4    1 
ATOM   344 N  N4    . DC  D 1 1 ? 7.655   -16.857 -4.522  1.00 57.53 ? 7  DC  D N4    1 
ATOM   345 C  C5    . DC  D 1 1 ? 7.502   -14.556 -5.201  1.00 59.20 ? 7  DC  D C5    1 
ATOM   346 C  C6    . DC  D 1 1 ? 8.136   -13.373 -5.292  1.00 59.66 ? 7  DC  D C6    1 
ATOM   347 P  P     . DG  D 1 2 ? 10.786  -7.106  -5.897  1.00 49.10 ? 8  DG  D P     1 
ATOM   348 O  OP1   . DG  D 1 2 ? 9.489   -6.853  -6.579  1.00 48.62 ? 8  DG  D OP1   1 
ATOM   349 O  OP2   . DG  D 1 2 ? 12.025  -6.648  -6.576  1.00 47.55 ? 8  DG  D OP2   1 
ATOM   350 O  "O5'" . DG  D 1 2 ? 10.792  -6.520  -4.404  1.00 45.08 ? 8  DG  D "O5'" 1 
ATOM   351 C  "C5'" . DG  D 1 2 ? 11.882  -6.796  -3.547  1.00 41.49 ? 8  DG  D "C5'" 1 
ATOM   352 C  "C4'" . DG  D 1 2 ? 12.320  -5.636  -2.674  1.00 38.84 ? 8  DG  D "C4'" 1 
ATOM   353 O  "O4'" . DG  D 1 2 ? 12.664  -4.482  -3.480  1.00 37.65 ? 8  DG  D "O4'" 1 
ATOM   354 C  "C3'" . DG  D 1 2 ? 11.279  -5.127  -1.700  1.00 39.07 ? 8  DG  D "C3'" 1 
ATOM   355 O  "O3'" . DG  D 1 2 ? 11.360  -5.882  -0.494  1.00 40.75 ? 8  DG  D "O3'" 1 
ATOM   356 C  "C2'" . DG  D 1 2 ? 11.690  -3.661  -1.493  1.00 37.22 ? 8  DG  D "C2'" 1 
ATOM   357 C  "C1'" . DG  D 1 2 ? 12.222  -3.278  -2.864  1.00 33.80 ? 8  DG  D "C1'" 1 
ATOM   358 N  N9    . DG  D 1 2 ? 11.334  -2.578  -3.806  1.00 30.37 ? 8  DG  D N9    1 
ATOM   359 C  C8    . DG  D 1 2 ? 10.838  -3.081  -4.995  1.00 30.20 ? 8  DG  D C8    1 
ATOM   360 N  N7    . DG  D 1 2 ? 10.094  -2.252  -5.687  1.00 27.69 ? 8  DG  D N7    1 
ATOM   361 C  C5    . DG  D 1 2 ? 10.107  -1.099  -4.903  1.00 27.20 ? 8  DG  D C5    1 
ATOM   362 C  C6    . DG  D 1 2 ? 9.474   0.152   -5.125  1.00 25.09 ? 8  DG  D C6    1 
ATOM   363 O  O6    . DG  D 1 2 ? 8.761   0.480   -6.082  1.00 24.32 ? 8  DG  D O6    1 
ATOM   364 N  N1    . DG  D 1 2 ? 9.731   1.066   -4.115  1.00 23.82 ? 8  DG  D N1    1 
ATOM   365 C  C2    . DG  D 1 2 ? 10.491  0.807   -3.014  1.00 25.09 ? 8  DG  D C2    1 
ATOM   366 N  N2    . DG  D 1 2 ? 10.618  1.813   -2.141  1.00 23.88 ? 8  DG  D N2    1 
ATOM   367 N  N3    . DG  D 1 2 ? 11.087  -0.360  -2.784  1.00 27.37 ? 8  DG  D N3    1 
ATOM   368 C  C4    . DG  D 1 2 ? 10.862  -1.276  -3.759  1.00 28.12 ? 8  DG  D C4    1 
ATOM   369 P  P     . DT  D 1 3 ? 10.044  -6.115  0.398   1.00 42.52 ? 9  DT  D P     1 
ATOM   370 O  OP1   . DT  D 1 3 ? 10.312  -7.156  1.436   1.00 42.06 ? 9  DT  D OP1   1 
ATOM   371 O  OP2   . DT  D 1 3 ? 8.909   -6.314  -0.559  1.00 40.75 ? 9  DT  D OP2   1 
ATOM   372 O  "O5'" . DT  D 1 3 ? 9.914   -4.694  1.139   1.00 39.67 ? 9  DT  D "O5'" 1 
ATOM   373 C  "C5'" . DT  D 1 3 ? 10.952  -4.226  1.987   1.00 38.26 ? 9  DT  D "C5'" 1 
ATOM   374 C  "C4'" . DT  D 1 3 ? 10.706  -2.753  2.306   1.00 37.99 ? 9  DT  D "C4'" 1 
ATOM   375 O  "O4'" . DT  D 1 3 ? 10.363  -2.061  1.076   1.00 36.31 ? 9  DT  D "O4'" 1 
ATOM   376 C  "C3'" . DT  D 1 3 ? 9.561   -2.467  3.278   1.00 37.39 ? 9  DT  D "C3'" 1 
ATOM   377 O  "O3'" . DT  D 1 3 ? 9.945   -1.512  4.294   1.00 37.87 ? 9  DT  D "O3'" 1 
ATOM   378 C  "C2'" . DT  D 1 3 ? 8.427   -2.002  2.357   1.00 35.80 ? 9  DT  D "C2'" 1 
ATOM   379 C  "C1'" . DT  D 1 3 ? 9.179   -1.316  1.225   1.00 33.03 ? 9  DT  D "C1'" 1 
ATOM   380 N  N1    . DT  D 1 3 ? 8.516   -1.246  -0.135  1.00 30.16 ? 9  DT  D N1    1 
ATOM   381 C  C2    . DT  D 1 3 ? 8.022   -0.029  -0.569  1.00 28.83 ? 9  DT  D C2    1 
ATOM   382 O  O2    . DT  D 1 3 ? 8.057   0.999   0.077   1.00 28.51 ? 9  DT  D O2    1 
ATOM   383 N  N3    . DT  D 1 3 ? 7.458   -0.038  -1.807  1.00 28.25 ? 9  DT  D N3    1 
ATOM   384 C  C4    . DT  D 1 3 ? 7.326   -1.115  -2.661  1.00 30.13 ? 9  DT  D C4    1 
ATOM   385 O  O4    . DT  D 1 3 ? 6.788   -1.007  -3.773  1.00 30.24 ? 9  DT  D O4    1 
ATOM   386 C  C5    . DT  D 1 3 ? 7.869   -2.364  -2.159  1.00 30.26 ? 9  DT  D C5    1 
ATOM   387 C  C7    . DT  D 1 3 ? 7.782   -3.600  -3.019  1.00 31.67 ? 9  DT  D C7    1 
ATOM   388 C  C6    . DT  D 1 3 ? 8.435   -2.373  -0.939  1.00 29.51 ? 9  DT  D C6    1 
ATOM   389 P  P     . DA  D 1 4 ? 8.897   -1.087  5.446   1.00 39.47 ? 10 DA  D P     1 
ATOM   390 O  OP1   . DA  D 1 4 ? 9.641   -0.612  6.657   1.00 35.61 ? 10 DA  D OP1   1 
ATOM   391 O  OP2   . DA  D 1 4 ? 7.821   -2.123  5.515   1.00 35.90 ? 10 DA  D OP2   1 
ATOM   392 O  "O5'" . DA  D 1 4 ? 8.210   0.198   4.759   1.00 37.93 ? 10 DA  D "O5'" 1 
ATOM   393 C  "C5'" . DA  D 1 4 ? 8.739   1.519   5.004   1.00 34.79 ? 10 DA  D "C5'" 1 
ATOM   394 C  "C4'" . DA  D 1 4 ? 7.667   2.578   4.853   1.00 30.22 ? 10 DA  D "C4'" 1 
ATOM   395 O  "O4'" . DA  D 1 4 ? 7.093   2.499   3.532   1.00 28.71 ? 10 DA  D "O4'" 1 
ATOM   396 C  "C3'" . DA  D 1 4 ? 6.510   2.374   5.812   1.00 29.97 ? 10 DA  D "C3'" 1 
ATOM   397 O  "O3'" . DA  D 1 4 ? 6.093   3.622   6.334   1.00 30.15 ? 10 DA  D "O3'" 1 
ATOM   398 C  "C2'" . DA  D 1 4 ? 5.435   1.695   4.969   1.00 28.44 ? 10 DA  D "C2'" 1 
ATOM   399 C  "C1'" . DA  D 1 4 ? 5.697   2.290   3.598   1.00 27.20 ? 10 DA  D "C1'" 1 
ATOM   400 N  N9    . DA  D 1 4 ? 5.388   1.402   2.492   1.00 25.85 ? 10 DA  D N9    1 
ATOM   401 C  C8    . DA  D 1 4 ? 5.654   0.062   2.410   1.00 24.59 ? 10 DA  D C8    1 
ATOM   402 N  N7    . DA  D 1 4 ? 5.286   -0.488  1.272   1.00 24.05 ? 10 DA  D N7    1 
ATOM   403 C  C5    . DA  D 1 4 ? 4.751   0.558   0.554   1.00 22.86 ? 10 DA  D C5    1 
ATOM   404 C  C6    . DA  D 1 4 ? 4.191   0.619   -0.729  1.00 23.01 ? 10 DA  D C6    1 
ATOM   405 N  N6    . DA  D 1 4 ? 4.081   -0.449  -1.526  1.00 21.67 ? 10 DA  D N6    1 
ATOM   406 N  N1    . DA  D 1 4 ? 3.746   1.827   -1.161  1.00 23.81 ? 10 DA  D N1    1 
ATOM   407 C  C2    . DA  D 1 4 ? 3.863   2.885   -0.336  1.00 24.83 ? 10 DA  D C2    1 
ATOM   408 N  N3    . DA  D 1 4 ? 4.378   2.945   0.899   1.00 23.95 ? 10 DA  D N3    1 
ATOM   409 C  C4    . DA  D 1 4 ? 4.804   1.736   1.289   1.00 24.63 ? 10 DA  D C4    1 
ATOM   410 P  P     . DC  D 1 5 ? 5.124   3.696   7.614   1.00 31.68 ? 11 DC  D P     1 
ATOM   411 O  OP1   . DC  D 1 5 ? 5.463   4.897   8.412   1.00 31.09 ? 11 DC  D OP1   1 
ATOM   412 O  OP2   . DC  D 1 5 ? 5.022   2.366   8.287   1.00 29.61 ? 11 DC  D OP2   1 
ATOM   413 O  "O5'" . DC  D 1 5 ? 3.788   4.012   6.829   1.00 29.34 ? 11 DC  D "O5'" 1 
ATOM   414 C  "C5'" . DC  D 1 5 ? 3.791   5.141   5.987   1.00 29.14 ? 11 DC  D "C5'" 1 
ATOM   415 C  "C4'" . DC  D 1 5 ? 2.513   5.092   5.185   1.00 28.96 ? 11 DC  D "C4'" 1 
ATOM   416 O  "O4'" . DC  D 1 5 ? 2.666   4.103   4.129   1.00 28.88 ? 11 DC  D "O4'" 1 
ATOM   417 C  "C3'" . DC  D 1 5 ? 1.279   4.672   5.997   1.00 28.09 ? 11 DC  D "C3'" 1 
ATOM   418 O  "O3'" . DC  D 1 5 ? 0.130   5.465   5.595   1.00 27.80 ? 11 DC  D "O3'" 1 
ATOM   419 C  "C2'" . DC  D 1 5 ? 1.146   3.203   5.602   1.00 26.87 ? 11 DC  D "C2'" 1 
ATOM   420 C  "C1'" . DC  D 1 5 ? 1.471   3.352   4.116   1.00 27.51 ? 11 DC  D "C1'" 1 
ATOM   421 N  N1    . DC  D 1 5 ? 1.589   2.085   3.330   1.00 26.20 ? 11 DC  D N1    1 
ATOM   422 C  C2    . DC  D 1 5 ? 1.143   2.058   2.011   1.00 26.26 ? 11 DC  D C2    1 
ATOM   423 O  O2    . DC  D 1 5 ? 0.674   3.075   1.520   1.00 26.04 ? 11 DC  D O2    1 
ATOM   424 N  N3    . DC  D 1 5 ? 1.222   0.911   1.295   1.00 26.70 ? 11 DC  D N3    1 
ATOM   425 C  C4    . DC  D 1 5 ? 1.738   -0.183  1.876   1.00 27.62 ? 11 DC  D C4    1 
ATOM   426 N  N4    . DC  D 1 5 ? 1.817   -1.311  1.152   1.00 29.22 ? 11 DC  D N4    1 
ATOM   427 C  C5    . DC  D 1 5 ? 2.206   -0.183  3.220   1.00 26.41 ? 11 DC  D C5    1 
ATOM   428 C  C6    . DC  D 1 5 ? 2.105   0.959   3.904   1.00 26.34 ? 11 DC  D C6    1 
ATOM   429 P  P     . DG  D 1 6 ? -1.139  5.795   6.524   1.00 25.74 ? 12 DG  D P     1 
ATOM   430 O  OP1   . DG  D 1 6 ? -1.695  7.004   5.878   1.00 27.48 ? 12 DG  D OP1   1 
ATOM   431 O  OP2   . DG  D 1 6 ? -0.690  5.752   7.931   1.00 24.59 ? 12 DG  D OP2   1 
ATOM   432 O  "O5'" . DG  D 1 6 ? -2.242  4.677   6.296   1.00 25.40 ? 12 DG  D "O5'" 1 
ATOM   433 C  "C5'" . DG  D 1 6 ? -2.726  4.519   4.951   1.00 25.52 ? 12 DG  D "C5'" 1 
ATOM   434 C  "C4'" . DG  D 1 6 ? -3.906  3.576   4.876   1.00 25.20 ? 12 DG  D "C4'" 1 
ATOM   435 O  "O4'" . DG  D 1 6 ? -3.492  2.266   5.301   1.00 24.67 ? 12 DG  D "O4'" 1 
ATOM   436 C  "C3'" . DG  D 1 6 ? -5.070  3.970   5.770   1.00 25.98 ? 12 DG  D "C3'" 1 
ATOM   437 O  "O3'" . DG  D 1 6 ? -6.106  4.434   4.919   1.00 29.09 ? 12 DG  D "O3'" 1 
ATOM   438 C  "C2'" . DG  D 1 6 ? -5.460  2.685   6.491   1.00 26.14 ? 12 DG  D "C2'" 1 
ATOM   439 C  "C1'" . DG  D 1 6 ? -4.157  1.904   6.480   1.00 26.09 ? 12 DG  D "C1'" 1 
ATOM   440 N  N9    . DG  D 1 6 ? -3.211  2.192   7.536   1.00 28.91 ? 12 DG  D N9    1 
ATOM   441 C  C8    . DG  D 1 6 ? -3.353  3.005   8.637   1.00 31.14 ? 12 DG  D C8    1 
ATOM   442 N  N7    . DG  D 1 6 ? -2.284  3.045   9.387   1.00 32.16 ? 12 DG  D N7    1 
ATOM   443 C  C5    . DG  D 1 6 ? -1.381  2.218   8.739   1.00 31.20 ? 12 DG  D C5    1 
ATOM   444 C  C6    . DG  D 1 6 ? -0.061  1.856   9.074   1.00 31.80 ? 12 DG  D C6    1 
ATOM   445 O  O6    . DG  D 1 6 ? 0.584   2.223   10.045  1.00 31.51 ? 12 DG  D O6    1 
ATOM   446 N  N1    . DG  D 1 6 ? 0.527   0.980   8.165   1.00 33.48 ? 12 DG  D N1    1 
ATOM   447 C  C2    . DG  D 1 6 ? -0.122  0.503   7.043   1.00 35.20 ? 12 DG  D C2    1 
ATOM   448 N  N2    . DG  D 1 6 ? 0.559   -0.339  6.244   1.00 37.39 ? 12 DG  D N2    1 
ATOM   449 N  N3    . DG  D 1 6 ? -1.369  0.837   6.708   1.00 34.33 ? 12 DG  D N3    1 
ATOM   450 C  C4    . DG  D 1 6 ? -1.936  1.694   7.600   1.00 31.75 ? 12 DG  D C4    1 
HETATM 451 N  N     . SAU E 2 . ? 12.138  1.872   -7.226  1.00 35.94 ? 7  SAU C N     1 
HETATM 452 C  C1    . SAU E 2 . ? 9.182   7.257   -10.243 1.00 46.07 ? 7  SAU C C1    1 
HETATM 453 O  O1    . SAU E 2 . ? 9.612   5.852   -10.233 1.00 45.56 ? 7  SAU C O1    1 
HETATM 454 C  C2    . SAU E 2 . ? 10.488  6.881   -8.395  1.00 43.18 ? 7  SAU C C2    1 
HETATM 455 O  O2    . SAU E 2 . ? 9.858   7.875   -9.105  1.00 45.09 ? 7  SAU C O2    1 
HETATM 456 C  C3    . SAU E 2 . ? 10.339  5.605   -9.098  1.00 43.07 ? 7  SAU C C3    1 
HETATM 457 O  O3    . SAU E 2 . ? 15.263  -0.929  -2.845  1.00 37.73 ? 7  SAU C O3    1 
HETATM 458 C  C4    . SAU E 2 . ? 11.164  6.955   -7.191  1.00 40.79 ? 7  SAU C C4    1 
HETATM 459 O  O4    . SAU E 2 . ? 14.217  -1.395  -4.855  1.00 38.93 ? 7  SAU C O4    1 
HETATM 460 C  C5    . SAU E 2 . ? 11.688  5.766   -6.675  1.00 38.86 ? 7  SAU C C5    1 
HETATM 461 C  C6    . SAU E 2 . ? 11.553  4.442   -7.386  1.00 37.87 ? 7  SAU C C6    1 
HETATM 462 C  C7    . SAU E 2 . ? 10.856  4.405   -8.604  1.00 40.82 ? 7  SAU C C7    1 
HETATM 463 C  C8    . SAU E 2 . ? 12.361  5.854   -5.468  1.00 38.25 ? 7  SAU C C8    1 
HETATM 464 C  C9    . SAU E 2 . ? 12.928  4.743   -4.856  1.00 37.79 ? 7  SAU C C9    1 
HETATM 465 C  C10   . SAU E 2 . ? 12.165  3.223   -6.726  1.00 36.50 ? 7  SAU C C10   1 
HETATM 466 C  C12   . SAU E 2 . ? 12.728  0.854   -6.564  1.00 35.63 ? 7  SAU C C12   1 
HETATM 467 C  C13   . SAU E 2 . ? 13.396  1.024   -5.350  1.00 36.23 ? 7  SAU C C13   1 
HETATM 468 C  C14   . SAU E 2 . ? 13.485  2.361   -4.704  1.00 35.72 ? 7  SAU C C14   1 
HETATM 469 C  C15   . SAU E 2 . ? 12.858  3.480   -5.422  1.00 36.00 ? 7  SAU C C15   1 
HETATM 470 C  C18   . SAU E 2 . ? 14.144  2.563   -3.483  1.00 35.64 ? 7  SAU C C18   1 
HETATM 471 C  C19   . SAU E 2 . ? 14.765  1.522   -2.784  1.00 36.83 ? 7  SAU C C19   1 
HETATM 472 C  C20   . SAU E 2 . ? 14.722  0.234   -3.319  1.00 37.22 ? 7  SAU C C20   1 
HETATM 473 C  C21   . SAU E 2 . ? 14.059  -0.065  -4.589  1.00 37.20 ? 7  SAU C C21   1 
HETATM 474 C  C23   . SAU E 2 . ? 15.196  -1.912  -3.914  1.00 37.95 ? 7  SAU C C23   1 
HETATM 475 C  C25   . SAU E 2 . ? 11.488  1.517   -8.489  1.00 35.37 ? 7  SAU C C25   1 
HETATM 476 CA CA    . CA  F 3 . ? -0.074  5.996   9.695   1.00 49.70 ? 1  CA  D CA    1 
HETATM 477 O  O     . HOH G 4 . ? -1.176  -4.386  -1.992  1.00 32.86 ? 7  HOH A O     1 
HETATM 478 O  O     . HOH G 4 . ? 1.364   -6.082  -0.863  1.00 29.49 ? 8  HOH A O     1 
HETATM 479 O  O     . HOH H 4 . ? -6.240  -7.346  0.995   1.00 23.05 ? 1  HOH B O     1 
HETATM 480 O  O     . HOH H 4 . ? 5.007   5.392   2.117   1.00 15.87 ? 3  HOH B O     1 
HETATM 481 O  O     . HOH I 4 . ? 3.621   2.659   13.091  1.00 19.32 ? 4  HOH D O     1 
# 
loop_
_pdbx_poly_seq_scheme.asym_id 
_pdbx_poly_seq_scheme.entity_id 
_pdbx_poly_seq_scheme.seq_id 
_pdbx_poly_seq_scheme.mon_id 
_pdbx_poly_seq_scheme.ndb_seq_num 
_pdbx_poly_seq_scheme.pdb_seq_num 
_pdbx_poly_seq_scheme.auth_seq_num 
_pdbx_poly_seq_scheme.pdb_mon_id 
_pdbx_poly_seq_scheme.auth_mon_id 
_pdbx_poly_seq_scheme.pdb_strand_id 
_pdbx_poly_seq_scheme.pdb_ins_code 
_pdbx_poly_seq_scheme.hetero 
A 1 1 DC 1 1  1  DC DC A . n 
A 1 2 DG 2 2  2  DG DG A . n 
A 1 3 DT 3 3  3  DT DT A . n 
A 1 4 DA 4 4  4  DA DA A . n 
A 1 5 DC 5 5  5  DC DC A . n 
A 1 6 DG 6 6  6  DG DG A . n 
B 1 1 DC 1 7  7  DC DC B . n 
B 1 2 DG 2 8  8  DG DG B . n 
B 1 3 DT 3 9  9  DT DT B . n 
B 1 4 DA 4 10 10 DA DA B . n 
B 1 5 DC 5 11 11 DC DC B . n 
B 1 6 DG 6 12 12 DG DG B . n 
C 1 1 DC 1 1  1  DC DC C . n 
C 1 2 DG 2 2  2  DG DG C . n 
C 1 3 DT 3 3  3  DT DT C . n 
C 1 4 DA 4 4  4  DA DA C . n 
C 1 5 DC 5 5  5  DC DC C . n 
C 1 6 DG 6 6  6  DG DG C . n 
D 1 1 DC 1 7  7  DC DC D . n 
D 1 2 DG 2 8  8  DG DG D . n 
D 1 3 DT 3 9  9  DT DT D . n 
D 1 4 DA 4 10 10 DA DA D . n 
D 1 5 DC 5 11 11 DC DC D . n 
D 1 6 DG 6 12 12 DG DG D . n 
# 
loop_
_pdbx_nonpoly_scheme.asym_id 
_pdbx_nonpoly_scheme.entity_id 
_pdbx_nonpoly_scheme.mon_id 
_pdbx_nonpoly_scheme.ndb_seq_num 
_pdbx_nonpoly_scheme.pdb_seq_num 
_pdbx_nonpoly_scheme.auth_seq_num 
_pdbx_nonpoly_scheme.pdb_mon_id 
_pdbx_nonpoly_scheme.auth_mon_id 
_pdbx_nonpoly_scheme.pdb_strand_id 
_pdbx_nonpoly_scheme.pdb_ins_code 
E 2 SAU 1 7 1 SAU SAU C . 
F 3 CA  1 1 1 CA  CA  D . 
G 4 HOH 1 7 2 HOH HOH A . 
G 4 HOH 2 8 5 HOH HOH A . 
H 4 HOH 1 1 1 HOH HOH B . 
H 4 HOH 2 3 3 HOH HOH B . 
I 4 HOH 1 4 4 HOH HOH D . 
# 
_struct_site_keywords.site_id   1 
_struct_site_keywords.text      'MINOR GROOVE BINDER' 
# 
loop_
_pdbx_struct_assembly.id 
_pdbx_struct_assembly.details 
_pdbx_struct_assembly.method_details 
_pdbx_struct_assembly.oligomeric_details 
_pdbx_struct_assembly.oligomeric_count 
1 author_and_software_defined_assembly PISA dimeric 2 
2 author_and_software_defined_assembly PISA dimeric 2 
# 
loop_
_pdbx_struct_assembly_gen.assembly_id 
_pdbx_struct_assembly_gen.oper_expression 
_pdbx_struct_assembly_gen.asym_id_list 
1 1 A,B,G,H   
2 1 C,D,E,F,I 
# 
loop_
_pdbx_struct_assembly_prop.biol_id 
_pdbx_struct_assembly_prop.type 
_pdbx_struct_assembly_prop.value 
_pdbx_struct_assembly_prop.details 
1 'ABSA (A^2)' 360  ? 
1 MORE         -3   ? 
1 'SSA (A^2)'  2680 ? 
2 'ABSA (A^2)' 370  ? 
2 MORE         -2   ? 
2 'SSA (A^2)'  2680 ? 
# 
_pdbx_struct_oper_list.id                   1 
_pdbx_struct_oper_list.type                 'identity operation' 
_pdbx_struct_oper_list.name                 1_555 
_pdbx_struct_oper_list.symmetry_operation   x,y,z 
_pdbx_struct_oper_list.matrix[1][1]         1.0000000000 
_pdbx_struct_oper_list.matrix[1][2]         0.0000000000 
_pdbx_struct_oper_list.matrix[1][3]         0.0000000000 
_pdbx_struct_oper_list.vector[1]            0.0000000000 
_pdbx_struct_oper_list.matrix[2][1]         0.0000000000 
_pdbx_struct_oper_list.matrix[2][2]         1.0000000000 
_pdbx_struct_oper_list.matrix[2][3]         0.0000000000 
_pdbx_struct_oper_list.vector[2]            0.0000000000 
_pdbx_struct_oper_list.matrix[3][1]         0.0000000000 
_pdbx_struct_oper_list.matrix[3][2]         0.0000000000 
_pdbx_struct_oper_list.matrix[3][3]         1.0000000000 
_pdbx_struct_oper_list.vector[3]            0.0000000000 
# 
loop_
_pdbx_audit_revision_history.ordinal 
_pdbx_audit_revision_history.data_content_type 
_pdbx_audit_revision_history.major_revision 
_pdbx_audit_revision_history.minor_revision 
_pdbx_audit_revision_history.revision_date 
1 'Structure model' 1 0 2011-05-04 
2 'Structure model' 1 1 2011-07-13 
3 'Structure model' 1 2 2023-11-01 
# 
_pdbx_audit_revision_details.ordinal             1 
_pdbx_audit_revision_details.revision_ordinal    1 
_pdbx_audit_revision_details.data_content_type   'Structure model' 
_pdbx_audit_revision_details.provider            repository 
_pdbx_audit_revision_details.type                'Initial release' 
_pdbx_audit_revision_details.description         ? 
_pdbx_audit_revision_details.details             ? 
# 
loop_
_pdbx_audit_revision_group.ordinal 
_pdbx_audit_revision_group.revision_ordinal 
_pdbx_audit_revision_group.data_content_type 
_pdbx_audit_revision_group.group 
1 2 'Structure model' 'Version format compliance' 
2 3 'Structure model' 'Data collection'           
3 3 'Structure model' 'Database references'       
4 3 'Structure model' 'Derived calculations'      
5 3 'Structure model' 'Refinement description'    
# 
loop_
_pdbx_audit_revision_category.ordinal 
_pdbx_audit_revision_category.revision_ordinal 
_pdbx_audit_revision_category.data_content_type 
_pdbx_audit_revision_category.category 
1 3 'Structure model' chem_comp_atom                
2 3 'Structure model' chem_comp_bond                
3 3 'Structure model' database_2                    
4 3 'Structure model' pdbx_initial_refinement_model 
5 3 'Structure model' struct_conn                   
6 3 'Structure model' struct_site                   
# 
loop_
_pdbx_audit_revision_item.ordinal 
_pdbx_audit_revision_item.revision_ordinal 
_pdbx_audit_revision_item.data_content_type 
_pdbx_audit_revision_item.item 
1  3 'Structure model' '_database_2.pdbx_DOI'                
2  3 'Structure model' '_database_2.pdbx_database_accession' 
3  3 'Structure model' '_struct_conn.ptnr1_auth_comp_id'     
4  3 'Structure model' '_struct_conn.ptnr1_auth_seq_id'      
5  3 'Structure model' '_struct_conn.ptnr1_label_asym_id'    
6  3 'Structure model' '_struct_conn.ptnr1_label_atom_id'    
7  3 'Structure model' '_struct_conn.ptnr1_label_comp_id'    
8  3 'Structure model' '_struct_conn.ptnr1_label_seq_id'     
9  3 'Structure model' '_struct_conn.ptnr2_auth_comp_id'     
10 3 'Structure model' '_struct_conn.ptnr2_auth_seq_id'      
11 3 'Structure model' '_struct_conn.ptnr2_label_asym_id'    
12 3 'Structure model' '_struct_conn.ptnr2_label_atom_id'    
13 3 'Structure model' '_struct_conn.ptnr2_label_comp_id'    
14 3 'Structure model' '_struct_conn.ptnr2_label_seq_id'     
15 3 'Structure model' '_struct_site.pdbx_auth_asym_id'      
16 3 'Structure model' '_struct_site.pdbx_auth_comp_id'      
17 3 'Structure model' '_struct_site.pdbx_auth_seq_id'       
# 
_pdbx_phasing_MR.entry_id                     3NX5 
_pdbx_phasing_MR.method_rotation              ? 
_pdbx_phasing_MR.method_translation           ? 
_pdbx_phasing_MR.model_details                ? 
_pdbx_phasing_MR.R_factor                     ? 
_pdbx_phasing_MR.R_rigid_body                 ? 
_pdbx_phasing_MR.correlation_coeff_Fo_to_Fc   ? 
_pdbx_phasing_MR.correlation_coeff_Io_to_Ic   ? 
_pdbx_phasing_MR.d_res_high_rotation          3.500 
_pdbx_phasing_MR.d_res_low_rotation           39.690 
_pdbx_phasing_MR.d_res_high_translation       3.500 
_pdbx_phasing_MR.d_res_low_translation        39.690 
_pdbx_phasing_MR.packing                      ? 
_pdbx_phasing_MR.reflns_percent_rotation      ? 
_pdbx_phasing_MR.reflns_percent_translation   ? 
_pdbx_phasing_MR.sigma_F_rotation             ? 
_pdbx_phasing_MR.sigma_F_translation          ? 
_pdbx_phasing_MR.sigma_I_rotation             ? 
_pdbx_phasing_MR.sigma_I_translation          ? 
# 
_phasing.method   MR 
# 
loop_
_software.pdbx_ordinal 
_software.name 
_software.version 
_software.date 
_software.type 
_software.contact_author 
_software.contact_author_email 
_software.classification 
_software.location 
_software.language 
_software.citation_id 
1 XSCALE      .    ?               package 'Wolfgang Kabsch'    ?                        'data scaling'    
http://www.mpimf-heidelberg.mpg.de/~kabsch/xds/html_doc/xscale_program.html ?          ? 
2 MOLREP      .    ?               program 'Alexei Vaguine'     alexei@ysbl.york.ac.uk   phasing           
http://www.ccp4.ac.uk/dist/html/molrep.html                                 Fortran_77 ? 
3 REFMAC      .    ?               program 'Garib N. Murshudov' garib@ysbl.york.ac.uk    refinement        
http://www.ccp4.ac.uk/dist/html/refmac5.html                                Fortran_77 ? 
4 PDB_EXTRACT 3.10 'June 10, 2010' package PDB                  deposit@deposit.rcsb.org 'data extraction' 
http://sw-tools.pdb.org/apps/PDB_EXTRACT/                                   C++        ? 
5 XDS         .    ?               ?       ?                    ?                        'data reduction'  ? ?          ? 
6 XDS         .    ?               ?       ?                    ?                        'data scaling'    ? ?          ? 
# 
loop_
_pdbx_validate_rmsd_angle.id 
_pdbx_validate_rmsd_angle.PDB_model_num 
_pdbx_validate_rmsd_angle.auth_atom_id_1 
_pdbx_validate_rmsd_angle.auth_asym_id_1 
_pdbx_validate_rmsd_angle.auth_comp_id_1 
_pdbx_validate_rmsd_angle.auth_seq_id_1 
_pdbx_validate_rmsd_angle.PDB_ins_code_1 
_pdbx_validate_rmsd_angle.label_alt_id_1 
_pdbx_validate_rmsd_angle.auth_atom_id_2 
_pdbx_validate_rmsd_angle.auth_asym_id_2 
_pdbx_validate_rmsd_angle.auth_comp_id_2 
_pdbx_validate_rmsd_angle.auth_seq_id_2 
_pdbx_validate_rmsd_angle.PDB_ins_code_2 
_pdbx_validate_rmsd_angle.label_alt_id_2 
_pdbx_validate_rmsd_angle.auth_atom_id_3 
_pdbx_validate_rmsd_angle.auth_asym_id_3 
_pdbx_validate_rmsd_angle.auth_comp_id_3 
_pdbx_validate_rmsd_angle.auth_seq_id_3 
_pdbx_validate_rmsd_angle.PDB_ins_code_3 
_pdbx_validate_rmsd_angle.label_alt_id_3 
_pdbx_validate_rmsd_angle.angle_value 
_pdbx_validate_rmsd_angle.angle_target_value 
_pdbx_validate_rmsd_angle.angle_deviation 
_pdbx_validate_rmsd_angle.angle_standard_deviation 
_pdbx_validate_rmsd_angle.linker_flag 
1 1 "C3'" A DT 3  ? ? "O3'" A DT 3  ? ? P     A DA 4  ? ? 127.29 119.70 7.59  1.20 Y 
2 1 "O4'" A DC 5  ? ? "C1'" A DC 5  ? ? N1    A DC 5  ? ? 111.18 108.30 2.88  0.30 N 
3 1 "O4'" B DG 8  ? ? "C4'" B DG 8  ? ? "C3'" B DG 8  ? ? 100.78 104.50 -3.72 0.40 N 
4 1 N3    C DG 2  ? ? C4    C DG 2  ? ? C5    C DG 2  ? ? 125.40 128.60 -3.20 0.50 N 
5 1 "O4'" C DC 5  ? ? "C1'" C DC 5  ? ? N1    C DC 5  ? ? 112.47 108.30 4.17  0.30 N 
6 1 "O4'" D DC 11 ? ? "C1'" D DC 11 ? ? N1    D DC 11 ? ? 112.87 108.30 4.57  0.30 N 
# 
loop_
_pdbx_unobs_or_zero_occ_atoms.id 
_pdbx_unobs_or_zero_occ_atoms.PDB_model_num 
_pdbx_unobs_or_zero_occ_atoms.polymer_flag 
_pdbx_unobs_or_zero_occ_atoms.occupancy_flag 
_pdbx_unobs_or_zero_occ_atoms.auth_asym_id 
_pdbx_unobs_or_zero_occ_atoms.auth_comp_id 
_pdbx_unobs_or_zero_occ_atoms.auth_seq_id 
_pdbx_unobs_or_zero_occ_atoms.PDB_ins_code 
_pdbx_unobs_or_zero_occ_atoms.auth_atom_id 
_pdbx_unobs_or_zero_occ_atoms.label_alt_id 
_pdbx_unobs_or_zero_occ_atoms.label_asym_id 
_pdbx_unobs_or_zero_occ_atoms.label_comp_id 
_pdbx_unobs_or_zero_occ_atoms.label_seq_id 
_pdbx_unobs_or_zero_occ_atoms.label_atom_id 
1  1 Y 1 A DC 1 ? "O5'" ? A DC 1 "O5'" 
2  1 Y 1 A DC 1 ? "C5'" ? A DC 1 "C5'" 
3  1 Y 1 A DC 1 ? "C4'" ? A DC 1 "C4'" 
4  1 Y 1 A DC 1 ? "O4'" ? A DC 1 "O4'" 
5  1 Y 1 A DC 1 ? "C3'" ? A DC 1 "C3'" 
6  1 Y 1 A DC 1 ? "C2'" ? A DC 1 "C2'" 
7  1 Y 1 A DC 1 ? "C1'" ? A DC 1 "C1'" 
8  1 Y 1 A DC 1 ? N1    ? A DC 1 N1    
9  1 Y 1 A DC 1 ? C2    ? A DC 1 C2    
10 1 Y 1 A DC 1 ? O2    ? A DC 1 O2    
11 1 Y 1 A DC 1 ? N3    ? A DC 1 N3    
12 1 Y 1 A DC 1 ? C4    ? A DC 1 C4    
13 1 Y 1 A DC 1 ? N4    ? A DC 1 N4    
14 1 Y 1 A DC 1 ? C5    ? A DC 1 C5    
15 1 Y 1 A DC 1 ? C6    ? A DC 1 C6    
16 1 Y 1 C DC 1 ? "O5'" ? C DC 1 "O5'" 
17 1 Y 1 C DC 1 ? "C5'" ? C DC 1 "C5'" 
18 1 Y 1 C DC 1 ? "C4'" ? C DC 1 "C4'" 
19 1 Y 1 C DC 1 ? "O4'" ? C DC 1 "O4'" 
20 1 Y 1 C DC 1 ? "C3'" ? C DC 1 "C3'" 
21 1 Y 1 C DC 1 ? "C2'" ? C DC 1 "C2'" 
22 1 Y 1 C DC 1 ? "C1'" ? C DC 1 "C1'" 
23 1 Y 1 C DC 1 ? N1    ? C DC 1 N1    
24 1 Y 1 C DC 1 ? C2    ? C DC 1 C2    
25 1 Y 1 C DC 1 ? O2    ? C DC 1 O2    
26 1 Y 1 C DC 1 ? N3    ? C DC 1 N3    
27 1 Y 1 C DC 1 ? C4    ? C DC 1 C4    
28 1 Y 1 C DC 1 ? N4    ? C DC 1 N4    
29 1 Y 1 C DC 1 ? C5    ? C DC 1 C5    
30 1 Y 1 C DC 1 ? C6    ? C DC 1 C6    
# 
loop_
_chem_comp_atom.comp_id 
_chem_comp_atom.atom_id 
_chem_comp_atom.type_symbol 
_chem_comp_atom.pdbx_aromatic_flag 
_chem_comp_atom.pdbx_stereo_config 
_chem_comp_atom.pdbx_ordinal 
CA  CA     CA N N 1   
DA  OP3    O  N N 2   
DA  P      P  N N 3   
DA  OP1    O  N N 4   
DA  OP2    O  N N 5   
DA  "O5'"  O  N N 6   
DA  "C5'"  C  N N 7   
DA  "C4'"  C  N R 8   
DA  "O4'"  O  N N 9   
DA  "C3'"  C  N S 10  
DA  "O3'"  O  N N 11  
DA  "C2'"  C  N N 12  
DA  "C1'"  C  N R 13  
DA  N9     N  Y N 14  
DA  C8     C  Y N 15  
DA  N7     N  Y N 16  
DA  C5     C  Y N 17  
DA  C6     C  Y N 18  
DA  N6     N  N N 19  
DA  N1     N  Y N 20  
DA  C2     C  Y N 21  
DA  N3     N  Y N 22  
DA  C4     C  Y N 23  
DA  HOP3   H  N N 24  
DA  HOP2   H  N N 25  
DA  "H5'"  H  N N 26  
DA  "H5''" H  N N 27  
DA  "H4'"  H  N N 28  
DA  "H3'"  H  N N 29  
DA  "HO3'" H  N N 30  
DA  "H2'"  H  N N 31  
DA  "H2''" H  N N 32  
DA  "H1'"  H  N N 33  
DA  H8     H  N N 34  
DA  H61    H  N N 35  
DA  H62    H  N N 36  
DA  H2     H  N N 37  
DC  OP3    O  N N 38  
DC  P      P  N N 39  
DC  OP1    O  N N 40  
DC  OP2    O  N N 41  
DC  "O5'"  O  N N 42  
DC  "C5'"  C  N N 43  
DC  "C4'"  C  N R 44  
DC  "O4'"  O  N N 45  
DC  "C3'"  C  N S 46  
DC  "O3'"  O  N N 47  
DC  "C2'"  C  N N 48  
DC  "C1'"  C  N R 49  
DC  N1     N  N N 50  
DC  C2     C  N N 51  
DC  O2     O  N N 52  
DC  N3     N  N N 53  
DC  C4     C  N N 54  
DC  N4     N  N N 55  
DC  C5     C  N N 56  
DC  C6     C  N N 57  
DC  HOP3   H  N N 58  
DC  HOP2   H  N N 59  
DC  "H5'"  H  N N 60  
DC  "H5''" H  N N 61  
DC  "H4'"  H  N N 62  
DC  "H3'"  H  N N 63  
DC  "HO3'" H  N N 64  
DC  "H2'"  H  N N 65  
DC  "H2''" H  N N 66  
DC  "H1'"  H  N N 67  
DC  H41    H  N N 68  
DC  H42    H  N N 69  
DC  H5     H  N N 70  
DC  H6     H  N N 71  
DG  OP3    O  N N 72  
DG  P      P  N N 73  
DG  OP1    O  N N 74  
DG  OP2    O  N N 75  
DG  "O5'"  O  N N 76  
DG  "C5'"  C  N N 77  
DG  "C4'"  C  N R 78  
DG  "O4'"  O  N N 79  
DG  "C3'"  C  N S 80  
DG  "O3'"  O  N N 81  
DG  "C2'"  C  N N 82  
DG  "C1'"  C  N R 83  
DG  N9     N  Y N 84  
DG  C8     C  Y N 85  
DG  N7     N  Y N 86  
DG  C5     C  Y N 87  
DG  C6     C  N N 88  
DG  O6     O  N N 89  
DG  N1     N  N N 90  
DG  C2     C  N N 91  
DG  N2     N  N N 92  
DG  N3     N  N N 93  
DG  C4     C  Y N 94  
DG  HOP3   H  N N 95  
DG  HOP2   H  N N 96  
DG  "H5'"  H  N N 97  
DG  "H5''" H  N N 98  
DG  "H4'"  H  N N 99  
DG  "H3'"  H  N N 100 
DG  "HO3'" H  N N 101 
DG  "H2'"  H  N N 102 
DG  "H2''" H  N N 103 
DG  "H1'"  H  N N 104 
DG  H8     H  N N 105 
DG  H1     H  N N 106 
DG  H21    H  N N 107 
DG  H22    H  N N 108 
DT  OP3    O  N N 109 
DT  P      P  N N 110 
DT  OP1    O  N N 111 
DT  OP2    O  N N 112 
DT  "O5'"  O  N N 113 
DT  "C5'"  C  N N 114 
DT  "C4'"  C  N R 115 
DT  "O4'"  O  N N 116 
DT  "C3'"  C  N S 117 
DT  "O3'"  O  N N 118 
DT  "C2'"  C  N N 119 
DT  "C1'"  C  N R 120 
DT  N1     N  N N 121 
DT  C2     C  N N 122 
DT  O2     O  N N 123 
DT  N3     N  N N 124 
DT  C4     C  N N 125 
DT  O4     O  N N 126 
DT  C5     C  N N 127 
DT  C7     C  N N 128 
DT  C6     C  N N 129 
DT  HOP3   H  N N 130 
DT  HOP2   H  N N 131 
DT  "H5'"  H  N N 132 
DT  "H5''" H  N N 133 
DT  "H4'"  H  N N 134 
DT  "H3'"  H  N N 135 
DT  "HO3'" H  N N 136 
DT  "H2'"  H  N N 137 
DT  "H2''" H  N N 138 
DT  "H1'"  H  N N 139 
DT  H3     H  N N 140 
DT  H71    H  N N 141 
DT  H72    H  N N 142 
DT  H73    H  N N 143 
DT  H6     H  N N 144 
HOH O      O  N N 145 
HOH H1     H  N N 146 
HOH H2     H  N N 147 
SAU N      N  Y N 148 
SAU C1     C  N N 149 
SAU O1     O  N N 150 
SAU C2     C  Y N 151 
SAU O2     O  N N 152 
SAU C3     C  Y N 153 
SAU O3     O  N N 154 
SAU C4     C  Y N 155 
SAU O4     O  N N 156 
SAU C5     C  Y N 157 
SAU C6     C  Y N 158 
SAU C7     C  Y N 159 
SAU C8     C  Y N 160 
SAU C9     C  Y N 161 
SAU C10    C  Y N 162 
SAU C12    C  Y N 163 
SAU C13    C  Y N 164 
SAU C14    C  Y N 165 
SAU C15    C  Y N 166 
SAU C18    C  Y N 167 
SAU C19    C  Y N 168 
SAU C20    C  Y N 169 
SAU C21    C  Y N 170 
SAU C23    C  N N 171 
SAU C25    C  N N 172 
SAU H1     H  N N 173 
SAU H1A    H  N N 174 
SAU H4     H  N N 175 
SAU H7     H  N N 176 
SAU H8     H  N N 177 
SAU H9     H  N N 178 
SAU H12    H  N N 179 
SAU H18    H  N N 180 
SAU H19    H  N N 181 
SAU H23    H  N N 182 
SAU H23A   H  N N 183 
SAU H25    H  N N 184 
SAU H25A   H  N N 185 
SAU H25B   H  N N 186 
# 
loop_
_chem_comp_bond.comp_id 
_chem_comp_bond.atom_id_1 
_chem_comp_bond.atom_id_2 
_chem_comp_bond.value_order 
_chem_comp_bond.pdbx_aromatic_flag 
_chem_comp_bond.pdbx_stereo_config 
_chem_comp_bond.pdbx_ordinal 
DA  OP3   P      sing N N 1   
DA  OP3   HOP3   sing N N 2   
DA  P     OP1    doub N N 3   
DA  P     OP2    sing N N 4   
DA  P     "O5'"  sing N N 5   
DA  OP2   HOP2   sing N N 6   
DA  "O5'" "C5'"  sing N N 7   
DA  "C5'" "C4'"  sing N N 8   
DA  "C5'" "H5'"  sing N N 9   
DA  "C5'" "H5''" sing N N 10  
DA  "C4'" "O4'"  sing N N 11  
DA  "C4'" "C3'"  sing N N 12  
DA  "C4'" "H4'"  sing N N 13  
DA  "O4'" "C1'"  sing N N 14  
DA  "C3'" "O3'"  sing N N 15  
DA  "C3'" "C2'"  sing N N 16  
DA  "C3'" "H3'"  sing N N 17  
DA  "O3'" "HO3'" sing N N 18  
DA  "C2'" "C1'"  sing N N 19  
DA  "C2'" "H2'"  sing N N 20  
DA  "C2'" "H2''" sing N N 21  
DA  "C1'" N9     sing N N 22  
DA  "C1'" "H1'"  sing N N 23  
DA  N9    C8     sing Y N 24  
DA  N9    C4     sing Y N 25  
DA  C8    N7     doub Y N 26  
DA  C8    H8     sing N N 27  
DA  N7    C5     sing Y N 28  
DA  C5    C6     sing Y N 29  
DA  C5    C4     doub Y N 30  
DA  C6    N6     sing N N 31  
DA  C6    N1     doub Y N 32  
DA  N6    H61    sing N N 33  
DA  N6    H62    sing N N 34  
DA  N1    C2     sing Y N 35  
DA  C2    N3     doub Y N 36  
DA  C2    H2     sing N N 37  
DA  N3    C4     sing Y N 38  
DC  OP3   P      sing N N 39  
DC  OP3   HOP3   sing N N 40  
DC  P     OP1    doub N N 41  
DC  P     OP2    sing N N 42  
DC  P     "O5'"  sing N N 43  
DC  OP2   HOP2   sing N N 44  
DC  "O5'" "C5'"  sing N N 45  
DC  "C5'" "C4'"  sing N N 46  
DC  "C5'" "H5'"  sing N N 47  
DC  "C5'" "H5''" sing N N 48  
DC  "C4'" "O4'"  sing N N 49  
DC  "C4'" "C3'"  sing N N 50  
DC  "C4'" "H4'"  sing N N 51  
DC  "O4'" "C1'"  sing N N 52  
DC  "C3'" "O3'"  sing N N 53  
DC  "C3'" "C2'"  sing N N 54  
DC  "C3'" "H3'"  sing N N 55  
DC  "O3'" "HO3'" sing N N 56  
DC  "C2'" "C1'"  sing N N 57  
DC  "C2'" "H2'"  sing N N 58  
DC  "C2'" "H2''" sing N N 59  
DC  "C1'" N1     sing N N 60  
DC  "C1'" "H1'"  sing N N 61  
DC  N1    C2     sing N N 62  
DC  N1    C6     sing N N 63  
DC  C2    O2     doub N N 64  
DC  C2    N3     sing N N 65  
DC  N3    C4     doub N N 66  
DC  C4    N4     sing N N 67  
DC  C4    C5     sing N N 68  
DC  N4    H41    sing N N 69  
DC  N4    H42    sing N N 70  
DC  C5    C6     doub N N 71  
DC  C5    H5     sing N N 72  
DC  C6    H6     sing N N 73  
DG  OP3   P      sing N N 74  
DG  OP3   HOP3   sing N N 75  
DG  P     OP1    doub N N 76  
DG  P     OP2    sing N N 77  
DG  P     "O5'"  sing N N 78  
DG  OP2   HOP2   sing N N 79  
DG  "O5'" "C5'"  sing N N 80  
DG  "C5'" "C4'"  sing N N 81  
DG  "C5'" "H5'"  sing N N 82  
DG  "C5'" "H5''" sing N N 83  
DG  "C4'" "O4'"  sing N N 84  
DG  "C4'" "C3'"  sing N N 85  
DG  "C4'" "H4'"  sing N N 86  
DG  "O4'" "C1'"  sing N N 87  
DG  "C3'" "O3'"  sing N N 88  
DG  "C3'" "C2'"  sing N N 89  
DG  "C3'" "H3'"  sing N N 90  
DG  "O3'" "HO3'" sing N N 91  
DG  "C2'" "C1'"  sing N N 92  
DG  "C2'" "H2'"  sing N N 93  
DG  "C2'" "H2''" sing N N 94  
DG  "C1'" N9     sing N N 95  
DG  "C1'" "H1'"  sing N N 96  
DG  N9    C8     sing Y N 97  
DG  N9    C4     sing Y N 98  
DG  C8    N7     doub Y N 99  
DG  C8    H8     sing N N 100 
DG  N7    C5     sing Y N 101 
DG  C5    C6     sing N N 102 
DG  C5    C4     doub Y N 103 
DG  C6    O6     doub N N 104 
DG  C6    N1     sing N N 105 
DG  N1    C2     sing N N 106 
DG  N1    H1     sing N N 107 
DG  C2    N2     sing N N 108 
DG  C2    N3     doub N N 109 
DG  N2    H21    sing N N 110 
DG  N2    H22    sing N N 111 
DG  N3    C4     sing N N 112 
DT  OP3   P      sing N N 113 
DT  OP3   HOP3   sing N N 114 
DT  P     OP1    doub N N 115 
DT  P     OP2    sing N N 116 
DT  P     "O5'"  sing N N 117 
DT  OP2   HOP2   sing N N 118 
DT  "O5'" "C5'"  sing N N 119 
DT  "C5'" "C4'"  sing N N 120 
DT  "C5'" "H5'"  sing N N 121 
DT  "C5'" "H5''" sing N N 122 
DT  "C4'" "O4'"  sing N N 123 
DT  "C4'" "C3'"  sing N N 124 
DT  "C4'" "H4'"  sing N N 125 
DT  "O4'" "C1'"  sing N N 126 
DT  "C3'" "O3'"  sing N N 127 
DT  "C3'" "C2'"  sing N N 128 
DT  "C3'" "H3'"  sing N N 129 
DT  "O3'" "HO3'" sing N N 130 
DT  "C2'" "C1'"  sing N N 131 
DT  "C2'" "H2'"  sing N N 132 
DT  "C2'" "H2''" sing N N 133 
DT  "C1'" N1     sing N N 134 
DT  "C1'" "H1'"  sing N N 135 
DT  N1    C2     sing N N 136 
DT  N1    C6     sing N N 137 
DT  C2    O2     doub N N 138 
DT  C2    N3     sing N N 139 
DT  N3    C4     sing N N 140 
DT  N3    H3     sing N N 141 
DT  C4    O4     doub N N 142 
DT  C4    C5     sing N N 143 
DT  C5    C7     sing N N 144 
DT  C5    C6     doub N N 145 
DT  C7    H71    sing N N 146 
DT  C7    H72    sing N N 147 
DT  C7    H73    sing N N 148 
DT  C6    H6     sing N N 149 
HOH O     H1     sing N N 150 
HOH O     H2     sing N N 151 
SAU N     C10    doub Y N 152 
SAU N     C12    sing Y N 153 
SAU N     C25    sing N N 154 
SAU C1    O1     sing N N 155 
SAU C1    O2     sing N N 156 
SAU O1    C3     sing N N 157 
SAU C2    O2     sing N N 158 
SAU C2    C3     doub Y N 159 
SAU C2    C4     sing Y N 160 
SAU C3    C7     sing Y N 161 
SAU O3    C20    sing N N 162 
SAU O3    C23    sing N N 163 
SAU C4    C5     doub Y N 164 
SAU O4    C21    sing N N 165 
SAU O4    C23    sing N N 166 
SAU C5    C6     sing Y N 167 
SAU C5    C8     sing Y N 168 
SAU C6    C7     doub Y N 169 
SAU C6    C10    sing Y N 170 
SAU C8    C9     doub Y N 171 
SAU C9    C15    sing Y N 172 
SAU C10   C15    sing Y N 173 
SAU C12   C13    doub Y N 174 
SAU C13   C14    sing Y N 175 
SAU C13   C21    sing Y N 176 
SAU C14   C15    doub Y N 177 
SAU C14   C18    sing Y N 178 
SAU C18   C19    doub Y N 179 
SAU C19   C20    sing Y N 180 
SAU C20   C21    doub Y N 181 
SAU C1    H1     sing N N 182 
SAU C1    H1A    sing N N 183 
SAU C4    H4     sing N N 184 
SAU C7    H7     sing N N 185 
SAU C8    H8     sing N N 186 
SAU C9    H9     sing N N 187 
SAU C12   H12    sing N N 188 
SAU C18   H18    sing N N 189 
SAU C19   H19    sing N N 190 
SAU C23   H23    sing N N 191 
SAU C23   H23A   sing N N 192 
SAU C25   H25    sing N N 193 
SAU C25   H25A   sing N N 194 
SAU C25   H25B   sing N N 195 
# 
loop_
_ndb_struct_conf_na.entry_id 
_ndb_struct_conf_na.feature 
3NX5 'double helix'         
3NX5 'b-form double helix'  
3NX5 'mismatched base pair' 
# 
loop_
_ndb_struct_na_base_pair.model_number 
_ndb_struct_na_base_pair.i_label_asym_id 
_ndb_struct_na_base_pair.i_label_comp_id 
_ndb_struct_na_base_pair.i_label_seq_id 
_ndb_struct_na_base_pair.i_symmetry 
_ndb_struct_na_base_pair.j_label_asym_id 
_ndb_struct_na_base_pair.j_label_comp_id 
_ndb_struct_na_base_pair.j_label_seq_id 
_ndb_struct_na_base_pair.j_symmetry 
_ndb_struct_na_base_pair.shear 
_ndb_struct_na_base_pair.stretch 
_ndb_struct_na_base_pair.stagger 
_ndb_struct_na_base_pair.buckle 
_ndb_struct_na_base_pair.propeller 
_ndb_struct_na_base_pair.opening 
_ndb_struct_na_base_pair.pair_number 
_ndb_struct_na_base_pair.pair_name 
_ndb_struct_na_base_pair.i_auth_asym_id 
_ndb_struct_na_base_pair.i_auth_seq_id 
_ndb_struct_na_base_pair.i_PDB_ins_code 
_ndb_struct_na_base_pair.j_auth_asym_id 
_ndb_struct_na_base_pair.j_auth_seq_id 
_ndb_struct_na_base_pair.j_PDB_ins_code 
_ndb_struct_na_base_pair.hbond_type_28 
_ndb_struct_na_base_pair.hbond_type_12 
1 B DG 2 1_555 A DC 5 1_555 -0.387 -0.395 0.137  -14.334 -4.244  -12.816 1 B_DG8:DC5_A  B 8  ? A 5  ? 19 1 
1 B DT 3 1_555 A DA 4 1_555 -0.794 -0.155 -0.192 4.355   -10.660 0.990   2 B_DT9:DA4_A  B 9  ? A 4  ? 20 1 
1 B DA 4 1_555 A DT 3 1_555 0.261  -0.271 0.133  -0.625  -2.937  -4.087  3 B_DA10:DT3_A B 10 ? A 3  ? 20 1 
1 B DC 5 1_555 A DG 2 1_555 0.210  0.010  -0.050 5.279   1.298   4.665   4 B_DC11:DG2_A B 11 ? A 2  ? 19 1 
1 C DG 2 1_555 D DC 5 1_555 -0.141 -0.588 0.008  -4.681  2.996   -1.170  5 C_DG2:DC11_D C 2  ? D 11 ? 19 1 
1 C DT 3 1_555 D DA 4 1_555 -0.843 -0.369 0.161  0.276   -5.473  -6.894  6 C_DT3:DA10_D C 3  ? D 10 ? 20 1 
1 C DA 4 1_555 D DT 3 1_555 -0.502 -0.162 0.151  4.249   -3.554  -7.581  7 C_DA4:DT9_D  C 4  ? D 9  ? 20 1 
1 C DC 5 1_555 D DG 2 1_555 0.328  -0.051 -0.020 18.289  -1.770  -0.274  8 C_DC5:DG8_D  C 5  ? D 8  ? 19 1 
# 
loop_
_ndb_struct_na_base_pair_step.model_number 
_ndb_struct_na_base_pair_step.i_label_asym_id_1 
_ndb_struct_na_base_pair_step.i_label_comp_id_1 
_ndb_struct_na_base_pair_step.i_label_seq_id_1 
_ndb_struct_na_base_pair_step.i_symmetry_1 
_ndb_struct_na_base_pair_step.j_label_asym_id_1 
_ndb_struct_na_base_pair_step.j_label_comp_id_1 
_ndb_struct_na_base_pair_step.j_label_seq_id_1 
_ndb_struct_na_base_pair_step.j_symmetry_1 
_ndb_struct_na_base_pair_step.i_label_asym_id_2 
_ndb_struct_na_base_pair_step.i_label_comp_id_2 
_ndb_struct_na_base_pair_step.i_label_seq_id_2 
_ndb_struct_na_base_pair_step.i_symmetry_2 
_ndb_struct_na_base_pair_step.j_label_asym_id_2 
_ndb_struct_na_base_pair_step.j_label_comp_id_2 
_ndb_struct_na_base_pair_step.j_label_seq_id_2 
_ndb_struct_na_base_pair_step.j_symmetry_2 
_ndb_struct_na_base_pair_step.shift 
_ndb_struct_na_base_pair_step.slide 
_ndb_struct_na_base_pair_step.rise 
_ndb_struct_na_base_pair_step.tilt 
_ndb_struct_na_base_pair_step.roll 
_ndb_struct_na_base_pair_step.twist 
_ndb_struct_na_base_pair_step.x_displacement 
_ndb_struct_na_base_pair_step.y_displacement 
_ndb_struct_na_base_pair_step.helical_rise 
_ndb_struct_na_base_pair_step.inclination 
_ndb_struct_na_base_pair_step.tip 
_ndb_struct_na_base_pair_step.helical_twist 
_ndb_struct_na_base_pair_step.step_number 
_ndb_struct_na_base_pair_step.step_name 
_ndb_struct_na_base_pair_step.i_auth_asym_id_1 
_ndb_struct_na_base_pair_step.i_auth_seq_id_1 
_ndb_struct_na_base_pair_step.i_PDB_ins_code_1 
_ndb_struct_na_base_pair_step.j_auth_asym_id_1 
_ndb_struct_na_base_pair_step.j_auth_seq_id_1 
_ndb_struct_na_base_pair_step.j_PDB_ins_code_1 
_ndb_struct_na_base_pair_step.i_auth_asym_id_2 
_ndb_struct_na_base_pair_step.i_auth_seq_id_2 
_ndb_struct_na_base_pair_step.i_PDB_ins_code_2 
_ndb_struct_na_base_pair_step.j_auth_asym_id_2 
_ndb_struct_na_base_pair_step.j_auth_seq_id_2 
_ndb_struct_na_base_pair_step.j_PDB_ins_code_2 
1 B DG 2 1_555 A DC 5 1_555 B DT 3 1_555 A DA 4 1_555 -0.352 -0.536 2.874 4.710  5.293  29.300  -1.957 1.502  2.651 10.275 -9.143 
30.126  1 BB_DG8DT9:DA4DC5_AA   B 8  ? A 5  ? B 9  ? A 4  ? 
1 B DT 3 1_555 A DA 4 1_555 B DA 4 1_555 A DT 3 1_555 -0.504 0.005  3.358 -4.562 0.112  44.700  -0.003 0.233  3.390 0.147  5.980  
44.920  2 BB_DT9DA10:DT3DA4_AA  B 9  ? A 4  ? B 10 ? A 3  ? 
1 B DA 4 1_555 A DT 3 1_555 B DC 5 1_555 A DG 2 1_555 0.663  -0.312 3.386 1.196  1.803  26.426  -1.174 -1.118 3.383 3.935  -2.610 
26.513  3 BB_DA10DC11:DG2DT3_AA B 10 ? A 3  ? B 11 ? A 2  ? 
1 B DC 5 1_555 A DG 2 1_555 C DG 2 1_555 D DC 5 1_555 -0.337 0.808  3.321 -0.282 5.760  -70.198 -0.905 -0.302 3.254 -5.000 -0.245 
-70.404 4 BC_DC11DG2:DC11DG2_DA B 11 ? A 2  ? C 2  ? D 11 ? 
1 C DG 2 1_555 D DC 5 1_555 C DT 3 1_555 D DA 4 1_555 -0.653 -0.184 3.295 -1.173 -0.690 22.088  -0.212 1.249  3.329 -1.799 3.058  
22.130  5 CC_DG2DT3:DA10DC11_DD C 2  ? D 11 ? C 3  ? D 10 ? 
1 C DT 3 1_555 D DA 4 1_555 C DA 4 1_555 D DT 3 1_555 0.504  -0.256 3.138 1.482  1.485  42.296  -0.500 -0.553 3.143 2.056  -2.053 
42.345  6 CC_DT3DA4:DT9DA10_DD  C 3  ? D 10 ? C 4  ? D 9  ? 
1 C DA 4 1_555 D DT 3 1_555 C DC 5 1_555 D DG 2 1_555 1.012  -0.605 3.011 -0.321 7.227  30.259  -2.371 -1.943 2.784 13.602 0.605  
31.093  7 CC_DA4DC5:DG8DT9_DD   C 4  ? D 9  ? C 5  ? D 8  ? 
# 
loop_
_pdbx_entity_nonpoly.entity_id 
_pdbx_entity_nonpoly.name 
_pdbx_entity_nonpoly.comp_id 
2 '13-methyl[1,3]benzodioxolo[5,6-c][1,3]dioxolo[4,5-i]phenanthridin-13-ium' SAU 
3 'CALCIUM ION'                                                              CA  
4 water                                                                      HOH 
# 
_pdbx_initial_refinement_model.id               1 
_pdbx_initial_refinement_model.entity_id_list   ? 
_pdbx_initial_refinement_model.type             'experimental model' 
_pdbx_initial_refinement_model.source_name      PDB 
_pdbx_initial_refinement_model.accession_code   3NP6 
_pdbx_initial_refinement_model.details          'PDB ENTRY 3NP6' 
# 
loop_
_pdbx_reflns_twin.domain_id 
_pdbx_reflns_twin.crystal_id 
_pdbx_reflns_twin.diffrn_id 
_pdbx_reflns_twin.fraction 
_pdbx_reflns_twin.operator 
_pdbx_reflns_twin.type 
_pdbx_reflns_twin.mean_F_square_over_mean_F2 
_pdbx_reflns_twin.mean_I2_over_mean_I_square 
1 1 1 0.746 'H,  K,  L' ? ? ? 
2 1 1 0.254 h+k,-k,-l   ? ? ? 
# 
